data_3NIU
#
_entry.id   3NIU
#
_cell.length_a   59.199
_cell.length_b   75.587
_cell.length_c   83.808
_cell.angle_alpha   79.93
_cell.angle_beta   77.86
_cell.angle_gamma   72.50
#
_symmetry.space_group_name_H-M   'P 1'
#
loop_
_entity.id
_entity.type
_entity.pdbx_description
1 polymer Lactoperoxidase
2 branched 2-acetamido-2-deoxy-beta-D-glucopyranose-(1-4)-2-acetamido-2-deoxy-beta-D-glucopyranose
3 branched beta-D-mannopyranose-(1-4)-2-acetamido-2-deoxy-beta-D-glucopyranose-(1-4)-2-acetamido-2-deoxy-beta-D-glucopyranose
4 non-polymer 2-acetamido-2-deoxy-beta-D-glucopyranose
5 non-polymer 'PHOSPHATE ION'
6 non-polymer 'CALCIUM ION'
7 non-polymer 'PROTOPORPHYRIN IX CONTAINING FE'
8 non-polymer DI(HYDROXYETHYL)ETHER
9 water water
#
_entity_poly.entity_id   1
_entity_poly.type   'polypeptide(L)'
_entity_poly.pdbx_seq_one_letter_code
;SWEVGCGAPVPLVTCDEQSPYRTITGDCNNRRSPALGAANRALARWLPAEYEDGLAVPFGWTQRKTRNGFRVPLAREVSN
KIVGYLDEEGVLDQNRSLLFMQWGQIVDHDLDFAPETELGSSEHSKVQCEEYCVQGDECFPIMFPKNDPKLKTQGKCMPF
FRAGFVCPTPPYQSLARDQINAVTSFLDASLVYGSEP(SEP)LASRLRNLSSPLGLMAVNQEAWDHGLAYPPFNNVKPSP
CEFINTTAHVPCFQAGDSRASEQILLATVHTLLLREHNRLARELKRLNPHWDGEMLYQEARKILGAFIQIITFRDYLPIV
LGSEMQKWIPPYQGYNNSVDPRISNVFTFAFRFGHMEVPSTVSRLDENYQPWGPEAELPLHTLFFNTWRIIKDGGIDPLV
RGLLAKNSKLMNQNKMVTSELRNKLFQPTHKVHGFDLAAINLQRCRDHGMPGYNSWRGFCGLSQPKTLKGLQAVLKNKVL
AKKLLDLYKTPDNIDIWIGGNAEPMVERGRVGPLLACLLGRQFQQIRDGDRFWWENPGVFTEKQRDSLQKVSFSRLICDN
THITKVPLHAFQANNYPHDFVDCSAVDKLDLSPWASREN
;
_entity_poly.pdbx_strand_id   A,B
#
# COMPACT_ATOMS: atom_id res chain seq x y z
N SER A 1 21.49 11.23 -18.71
CA SER A 1 22.88 10.69 -18.55
C SER A 1 23.01 9.78 -17.32
N TRP A 2 21.91 9.12 -16.96
CA TRP A 2 21.89 8.15 -15.85
C TRP A 2 21.57 6.74 -16.35
N GLU A 3 21.48 5.79 -15.42
CA GLU A 3 21.38 4.34 -15.72
C GLU A 3 20.90 3.96 -17.13
N VAL A 4 21.87 3.71 -18.01
CA VAL A 4 21.61 3.41 -19.43
C VAL A 4 21.54 1.91 -19.78
N GLY A 5 22.01 1.06 -18.85
CA GLY A 5 21.95 -0.39 -19.04
C GLY A 5 20.92 -1.06 -18.15
N CYS A 6 19.82 -0.35 -17.91
CA CYS A 6 18.76 -0.81 -17.02
C CYS A 6 17.77 -1.75 -17.73
N GLY A 7 16.79 -2.26 -16.98
CA GLY A 7 15.77 -3.15 -17.54
C GLY A 7 15.64 -4.48 -16.80
N ALA A 8 14.78 -5.36 -17.32
CA ALA A 8 14.60 -6.71 -16.78
C ALA A 8 14.08 -7.71 -17.84
N PRO A 9 14.83 -7.89 -18.96
CA PRO A 9 14.38 -8.77 -20.04
C PRO A 9 14.85 -10.23 -19.87
N VAL A 10 15.02 -10.94 -20.99
CA VAL A 10 15.57 -12.30 -20.98
C VAL A 10 17.07 -12.23 -20.69
N PRO A 11 17.50 -12.86 -19.57
CA PRO A 11 18.89 -12.79 -19.10
C PRO A 11 19.93 -13.44 -20.04
N LEU A 12 19.49 -14.39 -20.87
CA LEU A 12 20.42 -15.18 -21.69
C LEU A 12 20.01 -15.44 -23.14
N VAL A 13 20.60 -14.67 -24.06
CA VAL A 13 20.52 -14.93 -25.51
C VAL A 13 21.83 -14.45 -26.14
N THR A 14 22.73 -15.38 -26.46
CA THR A 14 24.01 -15.03 -27.09
C THR A 14 23.92 -15.19 -28.61
N CYS A 15 24.67 -14.35 -29.33
CA CYS A 15 24.51 -14.20 -30.77
C CYS A 15 25.30 -15.19 -31.61
N ASP A 16 24.61 -15.81 -32.57
CA ASP A 16 25.19 -16.81 -33.47
C ASP A 16 26.00 -16.15 -34.58
N GLU A 17 25.68 -14.89 -34.87
CA GLU A 17 26.42 -14.03 -35.82
C GLU A 17 26.51 -14.51 -37.26
N GLN A 18 26.42 -15.83 -37.47
CA GLN A 18 26.47 -16.41 -38.81
C GLN A 18 25.16 -17.12 -39.19
N SER A 19 24.19 -17.09 -38.27
CA SER A 19 22.88 -17.70 -38.50
C SER A 19 22.05 -16.91 -39.52
N PRO A 20 21.46 -17.62 -40.50
CA PRO A 20 20.60 -16.99 -41.51
C PRO A 20 19.16 -16.79 -41.04
N TYR A 21 18.91 -16.97 -39.74
CA TYR A 21 17.56 -16.84 -39.19
C TYR A 21 17.45 -15.76 -38.10
N ARG A 22 16.26 -15.19 -37.97
CA ARG A 22 15.97 -14.26 -36.88
C ARG A 22 15.89 -15.00 -35.56
N THR A 23 16.15 -14.29 -34.47
CA THR A 23 15.86 -14.82 -33.14
C THR A 23 14.40 -14.51 -32.82
N ILE A 24 13.77 -15.37 -32.01
CA ILE A 24 12.39 -15.16 -31.59
C ILE A 24 12.27 -13.86 -30.80
N THR A 25 13.19 -13.65 -29.87
CA THR A 25 13.22 -12.45 -29.02
C THR A 25 13.55 -11.17 -29.76
N GLY A 26 14.20 -11.30 -30.92
CA GLY A 26 14.55 -10.13 -31.74
C GLY A 26 15.97 -9.62 -31.53
N ASP A 27 16.73 -10.28 -30.65
CA ASP A 27 18.13 -9.97 -30.43
C ASP A 27 18.96 -10.33 -31.65
N CYS A 28 20.21 -9.84 -31.68
CA CYS A 28 21.20 -10.19 -32.70
C CYS A 28 20.88 -9.70 -34.10
N ASN A 29 19.90 -8.81 -34.22
CA ASN A 29 19.60 -8.17 -35.49
C ASN A 29 20.67 -7.14 -35.81
N ASN A 30 20.91 -6.25 -34.85
CA ASN A 30 22.05 -5.33 -34.90
C ASN A 30 23.23 -5.97 -34.19
N ARG A 31 24.36 -6.11 -34.90
CA ARG A 31 25.54 -6.79 -34.36
C ARG A 31 26.31 -5.95 -33.34
N ARG A 32 26.34 -4.63 -33.58
CA ARG A 32 27.01 -3.68 -32.71
C ARG A 32 26.25 -3.49 -31.39
N SER A 33 24.93 -3.33 -31.50
CA SER A 33 24.07 -3.20 -30.34
C SER A 33 23.01 -4.31 -30.33
N PRO A 34 23.36 -5.49 -29.77
CA PRO A 34 22.57 -6.72 -29.84
C PRO A 34 21.10 -6.62 -29.41
N ALA A 35 20.80 -5.74 -28.46
CA ALA A 35 19.46 -5.65 -27.87
C ALA A 35 18.56 -4.58 -28.52
N LEU A 36 19.02 -4.03 -29.64
CA LEU A 36 18.28 -3.00 -30.36
C LEU A 36 17.15 -3.62 -31.19
N GLY A 37 15.91 -3.33 -30.82
CA GLY A 37 14.73 -3.87 -31.50
C GLY A 37 14.16 -5.12 -30.84
N ALA A 38 14.81 -5.57 -29.78
CA ALA A 38 14.41 -6.78 -29.05
C ALA A 38 13.16 -6.54 -28.19
N ALA A 39 12.52 -7.63 -27.77
CA ALA A 39 11.30 -7.56 -26.97
C ALA A 39 11.59 -7.34 -25.48
N ASN A 40 10.57 -6.95 -24.73
CA ASN A 40 10.66 -6.74 -23.28
C ASN A 40 11.54 -5.57 -22.83
N ARG A 41 11.78 -4.63 -23.74
CA ARG A 41 12.58 -3.45 -23.45
C ARG A 41 11.76 -2.17 -23.58
N ALA A 42 12.32 -1.07 -23.08
CA ALA A 42 11.64 0.22 -23.10
C ALA A 42 11.37 0.68 -24.52
N LEU A 43 10.18 1.27 -24.72
CA LEU A 43 9.82 1.92 -25.97
C LEU A 43 10.76 3.12 -26.16
N ALA A 44 11.16 3.34 -27.41
CA ALA A 44 12.01 4.49 -27.75
C ALA A 44 11.26 5.79 -27.53
N ARG A 45 11.97 6.83 -27.12
CA ARG A 45 11.39 8.17 -26.98
C ARG A 45 11.98 9.09 -28.05
N TRP A 46 11.09 9.75 -28.81
CA TRP A 46 11.52 10.73 -29.80
C TRP A 46 11.49 12.15 -29.24
N LEU A 47 10.67 12.35 -28.22
CA LEU A 47 10.67 13.57 -27.42
C LEU A 47 10.68 13.20 -25.94
N PRO A 48 11.27 14.06 -25.08
CA PRO A 48 11.29 13.70 -23.67
C PRO A 48 9.88 13.56 -23.10
N ALA A 49 9.69 12.56 -22.23
CA ALA A 49 8.41 12.29 -21.61
C ALA A 49 7.90 13.48 -20.80
N GLU A 50 6.57 13.59 -20.71
CA GLU A 50 5.94 14.68 -19.97
C GLU A 50 5.01 14.14 -18.88
N TYR A 51 5.47 14.26 -17.64
CA TYR A 51 4.69 13.83 -16.49
C TYR A 51 4.40 15.01 -15.57
N GLU A 52 3.35 14.87 -14.76
CA GLU A 52 2.93 15.88 -13.79
C GLU A 52 4.07 16.30 -12.84
N ASP A 53 4.78 15.30 -12.31
CA ASP A 53 5.93 15.52 -11.45
C ASP A 53 7.22 15.24 -12.21
N GLY A 54 7.10 15.15 -13.53
CA GLY A 54 8.25 14.97 -14.43
C GLY A 54 8.91 13.61 -14.40
N LEU A 55 8.32 12.64 -13.70
CA LEU A 55 8.89 11.29 -13.61
C LEU A 55 7.96 10.12 -13.95
N ALA A 56 6.83 10.02 -13.26
CA ALA A 56 5.95 8.86 -13.44
C ALA A 56 4.46 9.16 -13.30
N VAL A 57 4.14 10.27 -12.64
CA VAL A 57 2.74 10.63 -12.36
C VAL A 57 2.10 11.30 -13.58
N PRO A 58 0.96 10.75 -14.07
CA PRO A 58 0.36 11.25 -15.32
C PRO A 58 -0.37 12.57 -15.13
N PHE A 59 -0.57 13.30 -16.22
CA PHE A 59 -1.40 14.50 -16.18
C PHE A 59 -2.87 14.09 -16.08
N GLY A 60 -3.54 14.61 -15.05
CA GLY A 60 -4.93 14.25 -14.75
C GLY A 60 -5.06 13.53 -13.42
N TRP A 61 -3.93 13.07 -12.89
CA TRP A 61 -3.87 12.32 -11.65
C TRP A 61 -4.37 13.15 -10.46
N THR A 62 -3.81 14.35 -10.31
CA THR A 62 -4.11 15.23 -9.19
C THR A 62 -5.05 16.34 -9.61
N GLN A 63 -6.02 16.65 -8.77
CA GLN A 63 -7.04 17.67 -9.03
C GLN A 63 -6.48 19.09 -9.13
N ARG A 64 -5.63 19.46 -8.17
CA ARG A 64 -5.12 20.83 -8.03
C ARG A 64 -4.07 21.20 -9.08
N LYS A 65 -3.36 20.20 -9.58
CA LYS A 65 -2.30 20.44 -10.57
C LYS A 65 -2.87 20.87 -11.91
N THR A 66 -2.08 21.61 -12.67
CA THR A 66 -2.44 22.00 -14.02
C THR A 66 -1.40 21.49 -15.01
N ARG A 67 -1.76 21.55 -16.29
CA ARG A 67 -0.82 21.39 -17.37
C ARG A 67 -0.83 22.70 -18.14
N ASN A 68 0.26 23.45 -18.04
CA ASN A 68 0.39 24.78 -18.65
C ASN A 68 -0.66 25.80 -18.17
N GLY A 69 -1.03 25.70 -16.90
CA GLY A 69 -1.99 26.62 -16.29
C GLY A 69 -3.44 26.20 -16.43
N PHE A 70 -3.68 25.09 -17.13
CA PHE A 70 -5.03 24.61 -17.38
C PHE A 70 -5.23 23.18 -16.88
N ARG A 71 -6.45 22.88 -16.44
CA ARG A 71 -6.85 21.53 -16.10
C ARG A 71 -6.95 20.69 -17.37
N VAL A 72 -6.46 19.46 -17.30
CA VAL A 72 -6.71 18.51 -18.39
C VAL A 72 -8.10 17.91 -18.25
N PRO A 73 -8.90 17.97 -19.32
CA PRO A 73 -10.26 17.44 -19.31
C PRO A 73 -10.30 15.92 -19.15
N LEU A 74 -11.35 15.41 -18.51
CA LEU A 74 -11.57 13.98 -18.37
C LEU A 74 -11.64 13.31 -19.74
N ALA A 75 -10.94 12.18 -19.88
CA ALA A 75 -10.89 11.45 -21.13
C ALA A 75 -12.28 11.08 -21.65
N ARG A 76 -13.15 10.64 -20.76
CA ARG A 76 -14.51 10.26 -21.11
C ARG A 76 -15.36 11.45 -21.61
N GLU A 77 -15.06 12.65 -21.12
CA GLU A 77 -15.75 13.85 -21.60
C GLU A 77 -15.28 14.27 -22.98
N VAL A 78 -13.97 14.18 -23.22
CA VAL A 78 -13.42 14.40 -24.56
C VAL A 78 -14.09 13.42 -25.52
N SER A 79 -14.26 12.18 -25.07
CA SER A 79 -14.93 11.13 -25.83
C SER A 79 -16.39 11.49 -26.15
N ASN A 80 -17.15 11.85 -25.12
CA ASN A 80 -18.58 12.15 -25.26
C ASN A 80 -18.88 13.33 -26.20
N LYS A 81 -18.03 14.36 -26.16
CA LYS A 81 -18.25 15.61 -26.89
C LYS A 81 -17.71 15.63 -28.31
N ILE A 82 -16.63 14.89 -28.55
CA ILE A 82 -15.88 14.97 -29.81
C ILE A 82 -15.93 13.67 -30.60
N VAL A 83 -15.73 12.56 -29.91
CA VAL A 83 -15.44 11.28 -30.56
C VAL A 83 -16.69 10.49 -30.98
N GLY A 84 -17.80 10.72 -30.28
CA GLY A 84 -19.01 9.94 -30.49
C GLY A 84 -19.97 10.47 -31.54
N TYR A 85 -20.84 9.57 -31.99
CA TYR A 85 -21.95 9.87 -32.90
C TYR A 85 -22.99 8.75 -32.77
N LEU A 86 -24.16 8.94 -33.38
CA LEU A 86 -25.22 7.92 -33.35
C LEU A 86 -25.50 7.33 -34.73
N ASP A 87 -25.42 8.17 -35.76
CA ASP A 87 -25.85 7.79 -37.10
C ASP A 87 -24.75 7.07 -37.90
N GLU A 88 -24.88 5.74 -37.98
CA GLU A 88 -23.94 4.91 -38.73
C GLU A 88 -24.16 4.98 -40.25
N GLU A 89 -25.16 5.76 -40.66
CA GLU A 89 -25.48 5.92 -42.08
C GLU A 89 -24.45 6.80 -42.79
N GLY A 90 -23.88 6.27 -43.88
CA GLY A 90 -22.94 7.00 -44.72
C GLY A 90 -21.57 7.24 -44.11
N VAL A 91 -21.05 6.25 -43.38
CA VAL A 91 -19.72 6.35 -42.76
C VAL A 91 -18.68 5.41 -43.38
N LEU A 92 -19.12 4.54 -44.28
CA LEU A 92 -18.22 3.56 -44.89
C LEU A 92 -17.20 4.18 -45.86
N ASP A 93 -16.07 3.50 -46.05
CA ASP A 93 -15.06 3.94 -46.98
C ASP A 93 -15.39 3.41 -48.37
N GLN A 94 -15.61 4.31 -49.31
CA GLN A 94 -16.03 3.92 -50.66
C GLN A 94 -14.93 3.26 -51.50
N ASN A 95 -13.68 3.36 -51.07
CA ASN A 95 -12.56 2.73 -51.78
C ASN A 95 -11.59 1.95 -50.88
N ARG A 96 -12.04 1.58 -49.68
CA ARG A 96 -11.26 0.71 -48.81
C ARG A 96 -12.10 -0.45 -48.29
N SER A 97 -11.61 -1.67 -48.49
CA SER A 97 -12.28 -2.86 -47.98
C SER A 97 -12.02 -3.03 -46.49
N LEU A 98 -12.76 -3.92 -45.85
CA LEU A 98 -12.64 -4.18 -44.41
C LEU A 98 -11.27 -4.76 -44.04
N LEU A 99 -10.61 -5.39 -45.01
CA LEU A 99 -9.25 -5.89 -44.86
C LEU A 99 -8.26 -4.76 -44.56
N PHE A 100 -8.47 -3.59 -45.16
CA PHE A 100 -7.64 -2.41 -44.92
C PHE A 100 -7.53 -2.12 -43.42
N MET A 101 -8.65 -2.17 -42.71
CA MET A 101 -8.64 -2.06 -41.26
C MET A 101 -7.94 -3.27 -40.67
N GLN A 102 -8.29 -4.46 -41.14
CA GLN A 102 -7.83 -5.71 -40.55
C GLN A 102 -6.32 -5.94 -40.63
N TRP A 103 -5.71 -5.54 -41.73
CA TRP A 103 -4.28 -5.67 -41.87
C TRP A 103 -3.54 -4.68 -40.98
N GLY A 104 -4.17 -3.56 -40.69
CA GLY A 104 -3.61 -2.58 -39.77
C GLY A 104 -3.44 -3.12 -38.37
N GLN A 105 -4.39 -3.93 -37.93
CA GLN A 105 -4.32 -4.50 -36.59
C GLN A 105 -3.30 -5.62 -36.53
N ILE A 106 -3.10 -6.29 -37.66
CA ILE A 106 -2.10 -7.36 -37.78
C ILE A 106 -0.69 -6.79 -37.68
N VAL A 107 -0.42 -5.74 -38.44
CA VAL A 107 0.89 -5.07 -38.45
C VAL A 107 1.19 -4.44 -37.09
N ASP A 108 0.19 -3.78 -36.52
CA ASP A 108 0.31 -3.15 -35.22
C ASP A 108 0.72 -4.17 -34.18
N HIS A 109 -0.02 -5.27 -34.12
CA HIS A 109 0.21 -6.33 -33.17
C HIS A 109 1.58 -6.97 -33.32
N ASP A 110 2.16 -6.83 -34.51
CA ASP A 110 3.50 -7.33 -34.80
C ASP A 110 4.58 -6.36 -34.33
N LEU A 111 4.23 -5.08 -34.22
CA LEU A 111 5.22 -4.06 -33.92
C LEU A 111 5.29 -3.62 -32.44
N ASP A 112 4.14 -3.43 -31.80
CA ASP A 112 4.13 -2.95 -30.41
C ASP A 112 3.12 -3.59 -29.46
N PHE A 113 3.50 -3.68 -28.19
CA PHE A 113 2.62 -4.13 -27.12
C PHE A 113 3.10 -3.63 -25.77
N ALA A 114 2.39 -2.67 -25.20
CA ALA A 114 2.64 -2.27 -23.82
C ALA A 114 1.59 -2.95 -22.95
N PRO A 115 2.01 -3.95 -22.16
CA PRO A 115 1.08 -4.63 -21.28
C PRO A 115 0.79 -3.82 -20.02
N GLU A 116 -0.41 -4.00 -19.50
CA GLU A 116 -0.84 -3.38 -18.25
C GLU A 116 -0.21 -4.09 -17.08
N THR A 117 -0.03 -3.37 -15.98
CA THR A 117 0.34 -3.98 -14.73
C THR A 117 -0.92 -4.10 -13.94
N GLU A 118 -1.46 -5.30 -13.87
CA GLU A 118 -2.62 -5.59 -13.05
C GLU A 118 -2.19 -6.68 -12.06
N LEU A 119 -0.87 -6.88 -12.02
CA LEU A 119 -0.42 -8.15 -11.42
C LEU A 119 0.09 -8.30 -9.98
N GLY A 120 -0.72 -9.11 -9.29
CA GLY A 120 -0.42 -9.75 -8.02
C GLY A 120 -1.15 -11.09 -8.05
N SER A 121 -0.57 -12.11 -7.43
CA SER A 121 -1.08 -13.49 -7.46
C SER A 121 -2.61 -13.55 -7.26
N SER A 122 -3.03 -13.11 -6.06
CA SER A 122 -4.42 -12.79 -5.77
C SER A 122 -4.34 -11.37 -5.21
N GLU A 123 -5.35 -10.53 -5.46
CA GLU A 123 -5.23 -9.12 -5.07
C GLU A 123 -6.46 -8.38 -4.52
N HIS A 124 -6.21 -7.54 -3.52
CA HIS A 124 -7.20 -6.57 -3.02
C HIS A 124 -7.33 -5.36 -3.94
N SER A 125 -6.25 -5.05 -4.68
CA SER A 125 -6.17 -3.87 -5.54
C SER A 125 -7.07 -3.88 -6.79
N LYS A 126 -7.22 -5.04 -7.43
CA LYS A 126 -8.12 -5.17 -8.58
C LYS A 126 -9.52 -4.72 -8.22
N VAL A 127 -9.93 -5.11 -7.00
CA VAL A 127 -11.22 -4.79 -6.42
C VAL A 127 -11.31 -3.32 -6.06
N GLN A 128 -10.24 -2.80 -5.45
CA GLN A 128 -10.16 -1.41 -5.00
C GLN A 128 -10.29 -0.41 -6.15
N CYS A 129 -9.82 -0.79 -7.34
CA CYS A 129 -9.94 0.04 -8.53
C CYS A 129 -11.36 -0.02 -9.12
N GLU A 130 -11.90 -1.23 -9.27
CA GLU A 130 -13.18 -1.43 -9.96
C GLU A 130 -14.41 -1.07 -9.14
N GLU A 131 -14.45 -1.53 -7.89
CA GLU A 131 -15.62 -1.32 -7.05
C GLU A 131 -15.73 0.08 -6.47
N TYR A 132 -14.62 0.64 -6.02
CA TYR A 132 -14.66 1.89 -5.26
C TYR A 132 -14.06 3.09 -5.99
N CYS A 133 -13.56 2.84 -7.19
CA CYS A 133 -12.94 3.86 -8.06
C CYS A 133 -11.87 4.69 -7.34
N VAL A 134 -11.02 4.01 -6.58
CA VAL A 134 -9.96 4.64 -5.80
C VAL A 134 -8.66 4.67 -6.55
N GLN A 135 -8.24 5.89 -6.90
CA GLN A 135 -7.00 6.12 -7.63
C GLN A 135 -5.80 5.92 -6.73
N GLY A 136 -4.87 5.07 -7.15
CA GLY A 136 -3.68 4.79 -6.37
C GLY A 136 -2.80 3.75 -7.01
N ASP A 137 -1.51 3.97 -6.89
CA ASP A 137 -0.54 3.08 -7.51
C ASP A 137 -0.89 2.83 -8.95
N GLU A 138 -0.98 1.56 -9.37
CA GLU A 138 -1.22 1.25 -10.77
C GLU A 138 -2.65 1.47 -11.24
N CYS A 139 -3.54 1.71 -10.29
CA CYS A 139 -4.93 2.03 -10.60
C CYS A 139 -5.08 3.51 -10.98
N PHE A 140 -5.50 3.74 -12.21
CA PHE A 140 -5.72 5.08 -12.76
C PHE A 140 -7.07 5.09 -13.47
N PRO A 141 -8.17 5.21 -12.69
CA PRO A 141 -9.52 5.05 -13.23
C PRO A 141 -9.98 6.17 -14.14
N ILE A 142 -10.85 5.81 -15.08
CA ILE A 142 -11.44 6.76 -16.02
C ILE A 142 -12.79 7.18 -15.48
N MET A 143 -12.83 8.35 -14.85
CA MET A 143 -14.03 8.87 -14.22
C MET A 143 -15.09 9.27 -15.23
N PHE A 144 -16.35 9.14 -14.84
CA PHE A 144 -17.47 9.60 -15.65
C PHE A 144 -17.77 11.03 -15.29
N PRO A 145 -17.95 11.88 -16.30
CA PRO A 145 -18.30 13.27 -16.09
C PRO A 145 -19.76 13.38 -15.71
N LYS A 146 -20.21 14.59 -15.38
CA LYS A 146 -21.60 14.84 -15.05
C LYS A 146 -22.51 14.51 -16.23
N ASN A 147 -23.67 13.92 -15.94
CA ASN A 147 -24.67 13.61 -16.96
C ASN A 147 -24.30 12.50 -17.95
N ASP A 148 -23.38 11.62 -17.57
CA ASP A 148 -23.01 10.47 -18.40
C ASP A 148 -24.04 9.38 -18.19
N PRO A 149 -24.60 8.85 -19.27
CA PRO A 149 -25.58 7.77 -19.18
C PRO A 149 -25.05 6.56 -18.42
N LYS A 150 -23.73 6.50 -18.29
CA LYS A 150 -23.09 5.37 -17.63
C LYS A 150 -22.99 5.52 -16.11
N LEU A 151 -23.37 6.68 -15.59
CA LEU A 151 -23.48 6.86 -14.15
C LEU A 151 -24.64 6.02 -13.63
N LYS A 152 -25.68 5.92 -14.43
CA LYS A 152 -26.91 5.23 -14.07
C LYS A 152 -26.82 3.70 -14.16
N THR A 153 -25.90 3.18 -14.95
CA THR A 153 -25.81 1.74 -15.17
C THR A 153 -24.48 1.10 -14.74
N GLN A 154 -23.39 1.85 -14.82
CA GLN A 154 -22.07 1.25 -14.63
C GLN A 154 -21.27 1.65 -13.40
N GLY A 155 -21.67 2.71 -12.72
CA GLY A 155 -20.96 3.14 -11.53
C GLY A 155 -20.41 4.54 -11.69
N LYS A 156 -19.25 4.78 -11.09
CA LYS A 156 -18.63 6.11 -11.12
C LYS A 156 -17.42 6.22 -12.04
N CYS A 157 -16.90 5.09 -12.49
CA CYS A 157 -15.71 5.09 -13.36
C CYS A 157 -15.56 3.80 -14.17
N MET A 158 -14.58 3.82 -15.06
CA MET A 158 -14.12 2.63 -15.77
C MET A 158 -12.75 2.28 -15.22
N PRO A 159 -12.57 1.06 -14.69
CA PRO A 159 -11.25 0.61 -14.25
C PRO A 159 -10.21 0.69 -15.36
N PHE A 160 -9.03 1.17 -15.01
CA PHE A 160 -7.94 1.37 -15.95
C PHE A 160 -6.62 1.16 -15.21
N PHE A 161 -5.73 0.38 -15.79
CA PHE A 161 -4.47 0.06 -15.14
C PHE A 161 -3.26 0.51 -15.94
N ARG A 162 -2.31 1.13 -15.26
CA ARG A 162 -1.11 1.68 -15.90
C ARG A 162 -0.22 0.58 -16.48
N ALA A 163 0.35 0.88 -17.63
CA ALA A 163 1.21 -0.06 -18.34
C ALA A 163 2.54 -0.24 -17.64
N GLY A 164 3.15 -1.38 -17.85
CA GLY A 164 4.40 -1.69 -17.23
C GLY A 164 5.50 -0.84 -17.73
N PHE A 165 6.50 -0.67 -16.90
CA PHE A 165 7.56 0.23 -17.17
C PHE A 165 8.84 -0.54 -16.95
N VAL A 166 9.97 -0.05 -17.42
CA VAL A 166 11.21 -0.78 -17.32
C VAL A 166 12.02 -0.73 -16.03
N CYS A 167 13.10 -1.50 -15.91
CA CYS A 167 13.91 -1.47 -14.68
C CYS A 167 13.04 -2.27 -13.70
N PRO A 168 12.79 -1.77 -12.52
CA PRO A 168 12.05 -2.58 -11.60
C PRO A 168 10.65 -2.56 -12.08
N THR A 169 10.19 -3.65 -12.61
CA THR A 169 8.90 -3.61 -13.20
C THR A 169 7.88 -3.33 -12.09
N PRO A 170 8.30 -3.53 -10.85
CA PRO A 170 7.39 -3.39 -9.64
C PRO A 170 7.02 -1.97 -9.10
N PRO A 171 8.05 -1.18 -8.80
CA PRO A 171 8.04 0.19 -8.20
C PRO A 171 8.97 1.25 -8.91
N TYR A 172 9.29 2.44 -8.40
CA TYR A 172 10.03 3.45 -9.18
C TYR A 172 11.14 4.33 -8.53
N GLN A 173 11.97 4.99 -9.35
CA GLN A 173 12.94 6.09 -9.13
C GLN A 173 13.41 6.68 -10.47
N SER A 174 14.47 7.50 -10.41
CA SER A 174 14.85 8.51 -11.42
C SER A 174 14.95 8.18 -12.94
N LEU A 175 14.88 9.26 -13.73
CA LEU A 175 14.61 9.35 -15.14
C LEU A 175 13.09 9.35 -15.19
N ALA A 176 12.66 9.43 -16.44
CA ALA A 176 11.23 9.42 -16.61
C ALA A 176 10.71 8.01 -16.83
N ARG A 177 9.45 7.67 -16.58
CA ARG A 177 8.92 6.34 -16.81
C ARG A 177 8.95 6.02 -18.28
N ASP A 178 9.57 4.89 -18.60
CA ASP A 178 9.57 4.36 -19.95
C ASP A 178 8.71 3.12 -19.93
N GLN A 179 7.81 2.97 -20.90
CA GLN A 179 6.93 1.79 -20.94
C GLN A 179 7.53 0.69 -21.79
N ILE A 180 7.22 -0.56 -21.46
CA ILE A 180 7.78 -1.73 -22.13
C ILE A 180 7.07 -2.04 -23.46
N ASN A 181 7.83 -2.55 -24.42
CA ASN A 181 7.28 -3.18 -25.60
C ASN A 181 7.58 -4.68 -25.56
N ALA A 182 6.54 -5.50 -25.44
CA ALA A 182 6.64 -6.93 -25.17
C ALA A 182 6.82 -7.81 -26.41
N VAL A 183 6.88 -7.15 -27.56
CA VAL A 183 7.08 -7.81 -28.86
C VAL A 183 8.28 -7.20 -29.59
N THR A 184 8.73 -7.86 -30.66
CA THR A 184 9.89 -7.41 -31.42
C THR A 184 9.52 -6.28 -32.36
N SER A 185 10.36 -5.25 -32.42
CA SER A 185 10.13 -4.04 -33.22
C SER A 185 10.11 -4.28 -34.72
N PHE A 186 10.69 -5.38 -35.15
CA PHE A 186 10.77 -5.72 -36.56
C PHE A 186 9.44 -6.26 -37.04
N LEU A 187 9.16 -6.12 -38.33
CA LEU A 187 7.99 -6.72 -38.92
C LEU A 187 8.40 -8.13 -39.29
N ASP A 188 8.37 -9.00 -38.28
CA ASP A 188 8.97 -10.33 -38.36
C ASP A 188 8.02 -11.50 -38.08
N ALA A 189 6.72 -11.24 -38.15
CA ALA A 189 5.67 -12.24 -37.85
C ALA A 189 5.69 -12.74 -36.41
N SER A 190 6.01 -11.85 -35.47
CA SER A 190 6.00 -12.16 -34.04
C SER A 190 4.64 -12.62 -33.57
N LEU A 191 3.58 -12.12 -34.21
CA LEU A 191 2.21 -12.49 -33.83
C LEU A 191 1.84 -13.94 -34.11
N VAL A 192 2.54 -14.57 -35.06
CA VAL A 192 2.34 -15.98 -35.37
C VAL A 192 3.23 -16.85 -34.49
N TYR A 193 4.47 -16.41 -34.26
CA TYR A 193 5.52 -17.24 -33.66
C TYR A 193 5.87 -16.97 -32.21
N GLY A 194 5.44 -15.84 -31.66
CA GLY A 194 5.79 -15.47 -30.30
C GLY A 194 7.02 -14.59 -30.23
N SER A 195 7.18 -13.89 -29.12
CA SER A 195 8.35 -13.04 -28.89
C SER A 195 9.18 -13.54 -27.71
N GLU A 196 8.77 -14.68 -27.17
CA GLU A 196 9.51 -15.34 -26.12
C GLU A 196 9.89 -16.73 -26.59
N PRO A 197 11.10 -17.20 -26.24
CA PRO A 197 11.52 -18.54 -26.63
C PRO A 197 10.64 -19.62 -25.98
N LEU A 199 7.22 -19.39 -25.15
CA LEU A 199 5.96 -19.46 -25.88
C LEU A 199 6.15 -19.95 -27.31
N ALA A 200 7.22 -19.54 -27.97
CA ALA A 200 7.48 -19.92 -29.35
C ALA A 200 7.62 -21.43 -29.52
N SER A 201 8.07 -22.10 -28.47
CA SER A 201 8.23 -23.55 -28.46
C SER A 201 6.90 -24.28 -28.27
N ARG A 202 6.02 -23.72 -27.45
CA ARG A 202 4.72 -24.32 -27.14
C ARG A 202 3.76 -24.30 -28.31
N LEU A 203 3.94 -23.34 -29.21
CA LEU A 203 3.10 -23.19 -30.38
C LEU A 203 3.51 -24.16 -31.49
N ARG A 204 4.75 -24.62 -31.44
CA ARG A 204 5.30 -25.55 -32.42
C ARG A 204 4.82 -26.97 -32.22
N ASN A 205 4.71 -27.71 -33.32
CA ASN A 205 4.42 -29.14 -33.27
C ASN A 205 5.73 -29.92 -33.29
N LEU A 206 6.29 -30.16 -32.11
CA LEU A 206 7.56 -30.84 -31.99
C LEU A 206 7.39 -32.37 -31.97
N SER A 207 6.14 -32.84 -31.96
CA SER A 207 5.81 -34.27 -31.96
C SER A 207 6.34 -35.00 -33.20
N SER A 208 6.44 -34.26 -34.30
CA SER A 208 6.95 -34.78 -35.55
C SER A 208 8.07 -33.89 -36.08
N PRO A 209 8.99 -34.44 -36.88
CA PRO A 209 10.09 -33.65 -37.43
C PRO A 209 9.70 -32.98 -38.75
N LEU A 210 8.52 -32.37 -38.80
CA LEU A 210 7.99 -31.82 -40.04
C LEU A 210 7.96 -30.30 -40.04
N GLY A 211 8.33 -29.69 -38.92
CA GLY A 211 8.45 -28.23 -38.80
C GLY A 211 7.12 -27.51 -38.73
N LEU A 212 6.06 -28.24 -38.43
CA LEU A 212 4.72 -27.66 -38.39
C LEU A 212 4.45 -26.94 -37.07
N MET A 213 3.44 -26.06 -37.10
CA MET A 213 2.95 -25.43 -35.88
C MET A 213 1.81 -26.27 -35.34
N ALA A 214 1.64 -26.25 -34.01
CA ALA A 214 0.57 -26.99 -33.35
C ALA A 214 -0.79 -26.46 -33.79
N VAL A 215 -1.74 -27.38 -33.97
CA VAL A 215 -3.11 -27.03 -34.34
C VAL A 215 -4.12 -27.61 -33.34
N ASN A 216 -5.36 -27.15 -33.43
CA ASN A 216 -6.45 -27.65 -32.58
C ASN A 216 -6.76 -29.11 -32.90
N GLN A 217 -6.92 -29.90 -31.84
CA GLN A 217 -7.23 -31.33 -31.97
C GLN A 217 -8.70 -31.64 -31.76
N GLU A 218 -9.43 -30.72 -31.12
CA GLU A 218 -10.85 -30.92 -30.83
C GLU A 218 -11.82 -30.36 -31.90
N ALA A 219 -11.40 -29.33 -32.62
CA ALA A 219 -12.26 -28.71 -33.62
C ALA A 219 -11.56 -28.52 -34.97
N TRP A 220 -12.31 -28.71 -36.05
CA TRP A 220 -11.77 -28.57 -37.40
C TRP A 220 -12.69 -27.73 -38.30
N ASP A 221 -12.17 -27.34 -39.46
CA ASP A 221 -12.88 -26.42 -40.36
C ASP A 221 -12.87 -26.99 -41.78
N HIS A 222 -13.83 -27.87 -42.05
CA HIS A 222 -13.93 -28.57 -43.34
C HIS A 222 -12.57 -29.17 -43.75
N GLY A 223 -11.88 -29.77 -42.78
CA GLY A 223 -10.58 -30.37 -43.02
C GLY A 223 -9.41 -29.41 -42.92
N LEU A 224 -9.70 -28.15 -42.56
CA LEU A 224 -8.65 -27.15 -42.36
C LEU A 224 -8.49 -26.82 -40.89
N ALA A 225 -7.38 -26.17 -40.54
CA ALA A 225 -6.94 -26.07 -39.15
C ALA A 225 -7.34 -24.79 -38.40
N TYR A 226 -7.39 -24.90 -37.08
CA TYR A 226 -7.53 -23.76 -36.18
C TYR A 226 -6.30 -23.71 -35.26
N PRO A 227 -5.95 -22.52 -34.74
CA PRO A 227 -4.97 -22.48 -33.65
C PRO A 227 -5.50 -23.24 -32.44
N PRO A 228 -4.60 -23.85 -31.64
CA PRO A 228 -5.04 -24.56 -30.43
C PRO A 228 -5.76 -23.66 -29.43
N PHE A 229 -6.63 -24.23 -28.61
CA PHE A 229 -7.31 -23.48 -27.57
C PHE A 229 -6.33 -23.09 -26.47
N ASN A 230 -6.46 -21.87 -25.98
CA ASN A 230 -5.75 -21.41 -24.80
C ASN A 230 -6.54 -21.89 -23.59
N ASN A 231 -5.97 -22.82 -22.83
CA ASN A 231 -6.70 -23.47 -21.73
C ASN A 231 -6.47 -22.91 -20.33
N VAL A 232 -6.06 -21.65 -20.25
CA VAL A 232 -5.91 -20.96 -18.98
C VAL A 232 -7.28 -20.43 -18.51
N LYS A 233 -7.68 -20.80 -17.30
CA LYS A 233 -8.92 -20.32 -16.71
C LYS A 233 -8.66 -19.27 -15.62
N PRO A 234 -9.47 -18.18 -15.61
CA PRO A 234 -10.67 -17.95 -16.40
C PRO A 234 -10.41 -17.45 -17.82
N SER A 235 -11.30 -17.80 -18.73
CA SER A 235 -11.18 -17.45 -20.14
C SER A 235 -12.23 -16.41 -20.53
N PRO A 236 -11.78 -15.30 -21.15
CA PRO A 236 -12.71 -14.26 -21.59
C PRO A 236 -13.66 -14.79 -22.66
N CYS A 237 -13.19 -15.71 -23.49
CA CYS A 237 -13.96 -16.25 -24.61
C CYS A 237 -15.05 -17.22 -24.18
N GLU A 238 -14.81 -17.91 -23.06
CA GLU A 238 -15.82 -18.80 -22.49
C GLU A 238 -16.90 -18.00 -21.76
N PHE A 239 -16.49 -16.89 -21.14
CA PHE A 239 -17.39 -16.06 -20.36
C PHE A 239 -18.58 -15.54 -21.16
N ILE A 240 -18.33 -15.05 -22.36
CA ILE A 240 -19.38 -14.42 -23.20
C ILE A 240 -20.51 -15.38 -23.59
N ASN A 241 -20.22 -16.68 -23.59
CA ASN A 241 -21.23 -17.72 -23.79
C ASN A 241 -20.83 -18.98 -23.03
N THR A 242 -21.34 -19.12 -21.81
CA THR A 242 -21.00 -20.23 -20.93
C THR A 242 -21.57 -21.56 -21.44
N THR A 243 -22.63 -21.48 -22.24
CA THR A 243 -23.25 -22.66 -22.85
C THR A 243 -22.31 -23.32 -23.87
N ALA A 244 -21.63 -22.50 -24.68
CA ALA A 244 -20.79 -22.99 -25.77
C ALA A 244 -19.49 -23.66 -25.31
N HIS A 245 -18.90 -23.13 -24.25
CA HIS A 245 -17.61 -23.61 -23.69
C HIS A 245 -16.45 -23.49 -24.67
N VAL A 246 -16.45 -22.44 -25.49
CA VAL A 246 -15.41 -22.28 -26.51
C VAL A 246 -14.39 -21.22 -26.10
N PRO A 247 -13.17 -21.64 -25.74
CA PRO A 247 -12.14 -20.75 -25.23
C PRO A 247 -11.43 -19.95 -26.33
N CYS A 248 -10.52 -19.06 -25.93
CA CYS A 248 -9.76 -18.24 -26.86
C CYS A 248 -8.71 -19.06 -27.58
N PHE A 249 -8.36 -18.63 -28.79
CA PHE A 249 -7.28 -19.24 -29.55
C PHE A 249 -5.93 -18.88 -28.96
N GLN A 250 -4.94 -19.74 -29.19
CA GLN A 250 -3.59 -19.52 -28.68
C GLN A 250 -2.62 -19.27 -29.83
N ALA A 251 -2.15 -18.02 -29.92
CA ALA A 251 -1.19 -17.62 -30.95
C ALA A 251 0.08 -17.05 -30.32
N GLY A 252 0.91 -16.39 -31.13
CA GLY A 252 2.13 -15.73 -30.65
C GLY A 252 1.84 -14.43 -29.95
N ASP A 253 0.75 -13.78 -30.34
CA ASP A 253 0.28 -12.56 -29.70
C ASP A 253 -0.92 -12.88 -28.81
N SER A 254 -0.96 -12.30 -27.60
CA SER A 254 -1.97 -12.63 -26.58
C SER A 254 -3.32 -11.96 -26.81
N ARG A 255 -3.36 -11.11 -27.85
CA ARG A 255 -4.59 -10.37 -28.17
C ARG A 255 -5.33 -11.00 -29.34
N ALA A 256 -4.86 -12.15 -29.81
CA ALA A 256 -5.32 -12.76 -31.06
C ALA A 256 -6.81 -13.06 -31.15
N SER A 257 -7.49 -13.09 -30.00
CA SER A 257 -8.92 -13.41 -29.96
C SER A 257 -9.76 -12.21 -29.53
N GLU A 258 -9.19 -11.01 -29.65
CA GLU A 258 -9.85 -9.79 -29.22
C GLU A 258 -11.11 -9.49 -30.02
N GLN A 259 -11.12 -9.93 -31.28
CA GLN A 259 -12.30 -9.82 -32.14
C GLN A 259 -12.30 -10.96 -33.16
N ILE A 260 -13.50 -11.34 -33.60
CA ILE A 260 -13.68 -12.46 -34.52
C ILE A 260 -12.81 -12.38 -35.78
N LEU A 261 -12.70 -11.17 -36.34
CA LEU A 261 -11.96 -10.99 -37.59
C LEU A 261 -10.44 -11.01 -37.41
N LEU A 262 -9.98 -10.68 -36.20
CA LEU A 262 -8.56 -10.74 -35.87
C LEU A 262 -8.12 -12.19 -35.74
N ALA A 263 -8.97 -13.00 -35.11
CA ALA A 263 -8.74 -14.44 -34.99
C ALA A 263 -8.78 -15.14 -36.35
N THR A 264 -9.58 -14.58 -37.26
CA THR A 264 -9.73 -15.11 -38.63
C THR A 264 -8.42 -15.04 -39.42
N VAL A 265 -7.72 -13.91 -39.34
CA VAL A 265 -6.45 -13.71 -40.06
C VAL A 265 -5.29 -14.44 -39.38
N HIS A 266 -5.34 -14.53 -38.05
CA HIS A 266 -4.39 -15.33 -37.27
C HIS A 266 -4.43 -16.80 -37.70
N THR A 267 -5.62 -17.29 -38.04
CA THR A 267 -5.84 -18.64 -38.53
C THR A 267 -5.29 -18.84 -39.95
N LEU A 268 -5.48 -17.85 -40.82
CA LEU A 268 -4.96 -17.91 -42.19
C LEU A 268 -3.44 -18.00 -42.19
N LEU A 269 -2.80 -17.17 -41.36
CA LEU A 269 -1.34 -17.13 -41.25
C LEU A 269 -0.77 -18.42 -40.65
N LEU A 270 -1.43 -18.94 -39.62
CA LEU A 270 -1.05 -20.22 -39.02
C LEU A 270 -1.16 -21.38 -40.02
N ARG A 271 -2.20 -21.34 -40.84
CA ARG A 271 -2.42 -22.32 -41.91
C ARG A 271 -1.35 -22.25 -42.98
N GLU A 272 -1.00 -21.03 -43.39
CA GLU A 272 0.02 -20.77 -44.40
C GLU A 272 1.40 -21.33 -44.00
N HIS A 273 1.75 -21.21 -42.71
CA HIS A 273 3.00 -21.76 -42.22
C HIS A 273 3.11 -23.26 -42.50
N ASN A 274 2.10 -24.01 -42.05
CA ASN A 274 2.05 -25.45 -42.30
C ASN A 274 2.02 -25.81 -43.79
N ARG A 275 1.28 -25.02 -44.57
CA ARG A 275 1.21 -25.21 -46.03
C ARG A 275 2.57 -25.03 -46.69
N LEU A 276 3.33 -24.04 -46.20
CA LEU A 276 4.70 -23.80 -46.68
C LEU A 276 5.64 -24.92 -46.26
N ALA A 277 5.55 -25.32 -44.99
CA ALA A 277 6.41 -26.36 -44.43
C ALA A 277 6.24 -27.70 -45.13
N ARG A 278 4.99 -28.10 -45.39
CA ARG A 278 4.68 -29.36 -46.07
C ARG A 278 5.14 -29.34 -47.53
N GLU A 279 5.12 -28.15 -48.13
CA GLU A 279 5.66 -27.95 -49.47
C GLU A 279 7.18 -28.05 -49.48
N LEU A 280 7.82 -27.45 -48.46
CA LEU A 280 9.28 -27.47 -48.33
C LEU A 280 9.81 -28.85 -47.98
N LYS A 281 8.96 -29.69 -47.40
CA LYS A 281 9.30 -31.08 -47.09
C LYS A 281 9.33 -31.92 -48.38
N ARG A 282 8.36 -31.70 -49.26
CA ARG A 282 8.33 -32.37 -50.56
C ARG A 282 9.57 -32.05 -51.38
N LEU A 283 9.92 -30.77 -51.45
CA LEU A 283 11.06 -30.30 -52.23
C LEU A 283 12.40 -30.68 -51.61
N ASN A 284 12.45 -30.70 -50.28
CA ASN A 284 13.67 -31.02 -49.54
C ASN A 284 13.42 -32.11 -48.49
N PRO A 285 13.47 -33.39 -48.90
CA PRO A 285 13.10 -34.52 -48.04
C PRO A 285 14.10 -34.74 -46.90
N HIS A 286 15.32 -34.28 -47.10
CA HIS A 286 16.42 -34.47 -46.16
C HIS A 286 16.45 -33.42 -45.05
N TRP A 287 15.61 -32.38 -45.16
CA TRP A 287 15.54 -31.30 -44.18
C TRP A 287 14.90 -31.75 -42.87
N ASP A 288 15.58 -31.45 -41.76
CA ASP A 288 15.07 -31.75 -40.43
C ASP A 288 13.98 -30.75 -40.02
N GLY A 289 13.31 -31.03 -38.91
CA GLY A 289 12.19 -30.20 -38.43
C GLY A 289 12.51 -28.74 -38.20
N GLU A 290 13.69 -28.48 -37.64
CA GLU A 290 14.13 -27.13 -37.31
C GLU A 290 14.27 -26.24 -38.55
N MET A 291 14.86 -26.78 -39.62
CA MET A 291 15.02 -26.04 -40.87
C MET A 291 13.68 -25.78 -41.56
N LEU A 292 12.79 -26.77 -41.50
CA LEU A 292 11.44 -26.62 -42.04
C LEU A 292 10.67 -25.49 -41.35
N TYR A 293 10.77 -25.44 -40.03
CA TYR A 293 10.19 -24.37 -39.23
C TYR A 293 10.79 -23.01 -39.62
N GLN A 294 12.11 -22.89 -39.48
CA GLN A 294 12.82 -21.63 -39.72
C GLN A 294 12.65 -21.09 -41.14
N GLU A 295 12.73 -21.98 -42.14
CA GLU A 295 12.61 -21.58 -43.55
C GLU A 295 11.21 -21.08 -43.89
N ALA A 296 10.19 -21.72 -43.32
CA ALA A 296 8.80 -21.29 -43.49
C ALA A 296 8.55 -19.98 -42.73
N ARG A 297 9.07 -19.89 -41.51
CA ARG A 297 8.99 -18.70 -40.68
C ARG A 297 9.56 -17.48 -41.41
N LYS A 298 10.66 -17.71 -42.13
CA LYS A 298 11.34 -16.67 -42.87
C LYS A 298 10.50 -16.18 -44.06
N ILE A 299 9.89 -17.12 -44.79
CA ILE A 299 9.02 -16.82 -45.94
C ILE A 299 7.78 -16.01 -45.53
N LEU A 300 7.11 -16.45 -44.47
CA LEU A 300 5.90 -15.79 -43.96
C LEU A 300 6.20 -14.40 -43.41
N GLY A 301 7.38 -14.24 -42.81
CA GLY A 301 7.87 -12.94 -42.35
C GLY A 301 8.02 -11.96 -43.50
N ALA A 302 8.58 -12.44 -44.61
CA ALA A 302 8.73 -11.63 -45.82
C ALA A 302 7.36 -11.27 -46.42
N PHE A 303 6.47 -12.27 -46.44
CA PHE A 303 5.09 -12.09 -46.88
C PHE A 303 4.47 -10.86 -46.21
N ILE A 304 4.51 -10.82 -44.88
CA ILE A 304 3.96 -9.71 -44.10
C ILE A 304 4.61 -8.37 -44.44
N GLN A 305 5.91 -8.39 -44.75
CA GLN A 305 6.65 -7.18 -45.14
C GLN A 305 6.26 -6.68 -46.54
N ILE A 306 6.18 -7.60 -47.51
CA ILE A 306 5.81 -7.27 -48.90
C ILE A 306 4.38 -6.71 -48.98
N ILE A 307 3.44 -7.36 -48.32
CA ILE A 307 2.04 -6.93 -48.30
C ILE A 307 1.88 -5.55 -47.63
N THR A 308 2.62 -5.34 -46.54
CA THR A 308 2.57 -4.08 -45.79
C THR A 308 3.14 -2.90 -46.57
N PHE A 309 4.33 -3.08 -47.14
CA PHE A 309 5.05 -1.98 -47.78
C PHE A 309 4.66 -1.74 -49.24
N ARG A 310 4.19 -2.79 -49.91
CA ARG A 310 3.73 -2.67 -51.30
C ARG A 310 2.24 -2.31 -51.38
N ASP A 311 1.41 -3.00 -50.60
CA ASP A 311 -0.06 -2.90 -50.77
C ASP A 311 -0.82 -2.06 -49.75
N TYR A 312 -0.37 -2.06 -48.49
CA TYR A 312 -1.11 -1.37 -47.43
C TYR A 312 -0.66 0.06 -47.21
N LEU A 313 0.63 0.26 -46.96
CA LEU A 313 1.16 1.59 -46.61
C LEU A 313 0.94 2.69 -47.64
N PRO A 314 1.15 2.39 -48.95
CA PRO A 314 0.85 3.42 -49.97
C PRO A 314 -0.57 3.97 -49.88
N ILE A 315 -1.53 3.13 -49.51
CA ILE A 315 -2.94 3.56 -49.45
C ILE A 315 -3.34 4.14 -48.09
N VAL A 316 -2.40 4.10 -47.15
CA VAL A 316 -2.54 4.77 -45.85
C VAL A 316 -1.91 6.16 -45.92
N LEU A 317 -0.66 6.23 -46.38
CA LEU A 317 0.11 7.47 -46.39
C LEU A 317 -0.15 8.35 -47.62
N GLY A 318 -0.58 7.71 -48.71
CA GLY A 318 -0.97 8.41 -49.93
C GLY A 318 0.18 9.17 -50.56
N SER A 319 -0.02 10.47 -50.73
CA SER A 319 0.98 11.35 -51.34
C SER A 319 2.20 11.59 -50.44
N GLU A 320 2.07 11.23 -49.16
CA GLU A 320 3.17 11.39 -48.20
C GLU A 320 4.11 10.18 -48.16
N MET A 321 3.67 9.07 -48.74
CA MET A 321 4.43 7.81 -48.79
C MET A 321 5.87 8.02 -49.27
N GLN A 322 6.02 8.64 -50.44
CA GLN A 322 7.33 8.86 -51.07
C GLN A 322 8.20 9.83 -50.29
N LYS A 323 7.57 10.77 -49.58
CA LYS A 323 8.29 11.78 -48.79
C LYS A 323 8.99 11.18 -47.58
N TRP A 324 8.34 10.22 -46.92
CA TRP A 324 8.85 9.63 -45.69
C TRP A 324 9.51 8.27 -45.88
N ILE A 325 9.03 7.51 -46.86
CA ILE A 325 9.58 6.17 -47.13
C ILE A 325 10.05 6.05 -48.58
N PRO A 326 11.29 6.53 -48.87
CA PRO A 326 11.88 6.49 -50.21
C PRO A 326 12.30 5.08 -50.61
N PRO A 327 12.65 4.85 -51.90
CA PRO A 327 13.06 3.53 -52.38
C PRO A 327 14.21 2.93 -51.58
N TYR A 328 14.20 1.60 -51.44
CA TYR A 328 15.16 0.88 -50.60
C TYR A 328 16.59 0.95 -51.14
N GLN A 329 17.52 1.33 -50.27
CA GLN A 329 18.94 1.47 -50.65
C GLN A 329 19.88 0.61 -49.81
N GLY A 330 19.32 -0.36 -49.08
CA GLY A 330 20.13 -1.28 -48.30
C GLY A 330 20.13 -1.03 -46.81
N TYR A 331 20.59 -2.03 -46.06
CA TYR A 331 20.60 -2.02 -44.60
C TYR A 331 21.54 -0.97 -44.02
N ASN A 332 20.95 -0.05 -43.25
CA ASN A 332 21.68 0.97 -42.52
C ASN A 332 21.63 0.62 -41.03
N ASN A 333 22.78 0.22 -40.49
CA ASN A 333 22.88 -0.24 -39.09
C ASN A 333 23.03 0.88 -38.06
N SER A 334 23.08 2.13 -38.54
CA SER A 334 23.08 3.29 -37.67
C SER A 334 21.65 3.78 -37.43
N VAL A 335 20.69 3.11 -38.05
CA VAL A 335 19.27 3.44 -37.92
C VAL A 335 18.67 2.70 -36.74
N ASP A 336 17.96 3.44 -35.89
CA ASP A 336 17.26 2.89 -34.74
C ASP A 336 15.98 2.20 -35.23
N PRO A 337 15.91 0.85 -35.11
CA PRO A 337 14.72 0.14 -35.56
C PRO A 337 13.65 0.05 -34.48
N ARG A 338 13.95 0.57 -33.28
CA ARG A 338 13.06 0.50 -32.13
C ARG A 338 11.74 1.22 -32.37
N ILE A 339 10.65 0.63 -31.89
CA ILE A 339 9.34 1.27 -31.93
C ILE A 339 9.27 2.35 -30.84
N SER A 340 8.95 3.57 -31.25
CA SER A 340 8.78 4.69 -30.33
C SER A 340 7.45 4.62 -29.58
N ASN A 341 7.40 5.28 -28.43
CA ASN A 341 6.18 5.36 -27.63
C ASN A 341 5.02 6.00 -28.41
N VAL A 342 5.30 7.10 -29.12
CA VAL A 342 4.29 7.84 -29.89
C VAL A 342 3.68 7.04 -31.05
N PHE A 343 4.44 6.13 -31.63
CA PHE A 343 3.94 5.27 -32.72
C PHE A 343 2.78 4.39 -32.24
N THR A 344 2.83 4.02 -30.97
CA THR A 344 1.80 3.15 -30.38
C THR A 344 0.45 3.87 -30.26
N PHE A 345 0.47 5.20 -30.33
CA PHE A 345 -0.74 6.01 -30.31
C PHE A 345 -1.05 6.55 -31.70
N ALA A 346 0.00 6.71 -32.52
CA ALA A 346 -0.18 7.14 -33.90
C ALA A 346 -0.93 6.06 -34.70
N PHE A 347 -0.52 4.81 -34.53
CA PHE A 347 -1.12 3.69 -35.25
C PHE A 347 -2.59 3.47 -34.87
N ARG A 348 -2.98 3.97 -33.70
CA ARG A 348 -4.37 3.87 -33.24
C ARG A 348 -5.35 4.69 -34.08
N PHE A 349 -4.88 5.18 -35.24
CA PHE A 349 -5.74 5.86 -36.20
C PHE A 349 -6.81 4.91 -36.72
N GLY A 350 -6.54 3.61 -36.62
CA GLY A 350 -7.40 2.56 -37.17
C GLY A 350 -8.65 2.27 -36.36
N HIS A 351 -8.70 2.76 -35.12
CA HIS A 351 -9.88 2.59 -34.28
C HIS A 351 -11.07 3.37 -34.81
N MET A 352 -10.78 4.33 -35.68
CA MET A 352 -11.80 5.13 -36.33
C MET A 352 -12.16 4.53 -37.69
N GLU A 353 -11.44 3.47 -38.05
CA GLU A 353 -11.69 2.72 -39.28
C GLU A 353 -12.58 1.49 -39.03
N VAL A 354 -12.92 1.24 -37.77
CA VAL A 354 -13.70 0.07 -37.39
C VAL A 354 -15.21 0.35 -37.50
N PRO A 355 -15.92 -0.42 -38.35
CA PRO A 355 -17.36 -0.28 -38.54
C PRO A 355 -18.18 -0.97 -37.44
N SER A 356 -19.49 -0.72 -37.43
CA SER A 356 -20.37 -1.16 -36.36
C SER A 356 -20.89 -2.60 -36.48
N THR A 357 -20.78 -3.18 -37.68
CA THR A 357 -21.24 -4.56 -37.90
C THR A 357 -20.20 -5.43 -38.64
N VAL A 358 -20.30 -6.74 -38.44
CA VAL A 358 -19.47 -7.72 -39.16
C VAL A 358 -20.39 -8.73 -39.84
N SER A 359 -20.25 -8.87 -41.16
CA SER A 359 -21.12 -9.76 -41.93
C SER A 359 -20.48 -11.10 -42.22
N ARG A 360 -21.32 -12.12 -42.37
CA ARG A 360 -20.89 -13.43 -42.84
C ARG A 360 -21.60 -13.72 -44.15
N LEU A 361 -20.82 -13.92 -45.22
CA LEU A 361 -21.36 -14.11 -46.55
C LEU A 361 -21.14 -15.54 -47.03
N ASP A 362 -22.03 -16.02 -47.89
CA ASP A 362 -21.93 -17.39 -48.41
C ASP A 362 -21.19 -17.48 -49.76
N GLU A 363 -21.21 -18.68 -50.35
CA GLU A 363 -20.43 -18.96 -51.56
C GLU A 363 -20.80 -18.09 -52.76
N ASN A 364 -22.02 -17.53 -52.77
CA ASN A 364 -22.45 -16.57 -53.79
C ASN A 364 -22.37 -15.11 -53.28
N TYR A 365 -21.62 -14.92 -52.20
CA TYR A 365 -21.42 -13.61 -51.54
C TYR A 365 -22.68 -12.92 -51.02
N GLN A 366 -23.74 -13.70 -50.85
CA GLN A 366 -24.99 -13.23 -50.26
C GLN A 366 -24.98 -13.50 -48.75
N PRO A 367 -25.82 -12.77 -47.97
CA PRO A 367 -25.95 -13.00 -46.53
C PRO A 367 -26.10 -14.49 -46.14
N TRP A 368 -25.30 -14.91 -45.16
CA TRP A 368 -25.22 -16.31 -44.74
C TRP A 368 -26.10 -16.55 -43.51
N GLY A 369 -27.34 -16.97 -43.76
CA GLY A 369 -28.27 -17.28 -42.67
C GLY A 369 -29.13 -16.13 -42.19
N PRO A 370 -30.01 -16.40 -41.21
CA PRO A 370 -30.89 -15.38 -40.62
C PRO A 370 -30.12 -14.35 -39.78
N GLU A 371 -28.97 -14.76 -39.27
CA GLU A 371 -28.17 -13.92 -38.40
C GLU A 371 -26.82 -13.59 -39.05
N ALA A 372 -26.88 -13.27 -40.34
CA ALA A 372 -25.70 -12.98 -41.15
C ALA A 372 -24.89 -11.78 -40.64
N GLU A 373 -25.58 -10.67 -40.36
CA GLU A 373 -24.94 -9.44 -39.91
C GLU A 373 -25.04 -9.26 -38.39
N LEU A 374 -23.88 -9.19 -37.73
CA LEU A 374 -23.80 -9.13 -36.27
C LEU A 374 -23.17 -7.84 -35.78
N PRO A 375 -23.68 -7.29 -34.64
CA PRO A 375 -23.05 -6.13 -33.99
C PRO A 375 -21.65 -6.44 -33.47
N LEU A 376 -20.71 -5.51 -33.69
CA LEU A 376 -19.31 -5.70 -33.34
C LEU A 376 -19.09 -6.02 -31.85
N HIS A 377 -19.90 -5.41 -30.98
CA HIS A 377 -19.75 -5.60 -29.54
C HIS A 377 -20.04 -7.04 -29.10
N THR A 378 -20.85 -7.76 -29.89
CA THR A 378 -21.16 -9.15 -29.59
C THR A 378 -20.00 -10.05 -30.00
N LEU A 379 -18.99 -9.47 -30.64
CA LEU A 379 -17.92 -10.22 -31.28
C LEU A 379 -16.54 -10.04 -30.64
N PHE A 380 -16.47 -9.33 -29.52
CA PHE A 380 -15.22 -9.25 -28.77
C PHE A 380 -15.01 -10.55 -28.00
N PHE A 381 -13.81 -11.11 -28.13
CA PHE A 381 -13.46 -12.40 -27.51
C PHE A 381 -14.45 -13.51 -27.86
N ASN A 382 -14.90 -13.51 -29.11
CA ASN A 382 -15.88 -14.47 -29.60
C ASN A 382 -15.23 -15.50 -30.52
N THR A 383 -14.94 -16.66 -29.96
CA THR A 383 -14.41 -17.78 -30.75
C THR A 383 -15.52 -18.75 -31.15
N TRP A 384 -16.61 -18.76 -30.38
CA TRP A 384 -17.70 -19.71 -30.61
C TRP A 384 -18.44 -19.47 -31.93
N ARG A 385 -18.44 -18.22 -32.40
CA ARG A 385 -19.07 -17.89 -33.68
C ARG A 385 -18.24 -18.38 -34.87
N ILE A 386 -16.93 -18.55 -34.67
CA ILE A 386 -16.07 -19.17 -35.68
C ILE A 386 -16.31 -20.67 -35.69
N ILE A 387 -16.09 -21.30 -34.55
CA ILE A 387 -16.08 -22.76 -34.43
C ILE A 387 -17.47 -23.38 -34.55
N LYS A 388 -18.47 -22.76 -33.91
CA LYS A 388 -19.81 -23.34 -33.86
C LYS A 388 -20.80 -22.74 -34.86
N ASP A 389 -20.35 -21.76 -35.66
CA ASP A 389 -21.26 -21.08 -36.58
C ASP A 389 -20.65 -20.80 -37.97
N GLY A 390 -20.10 -21.83 -38.60
CA GLY A 390 -19.79 -21.78 -40.03
C GLY A 390 -18.35 -21.70 -40.50
N GLY A 391 -17.40 -21.73 -39.56
CA GLY A 391 -15.97 -21.63 -39.91
C GLY A 391 -15.54 -20.22 -40.29
N ILE A 392 -14.36 -20.09 -40.88
CA ILE A 392 -13.80 -18.77 -41.18
C ILE A 392 -14.08 -18.29 -42.60
N ASP A 393 -14.63 -19.17 -43.43
CA ASP A 393 -14.93 -18.84 -44.84
C ASP A 393 -15.95 -17.71 -45.04
N PRO A 394 -17.09 -17.77 -44.33
CA PRO A 394 -18.04 -16.66 -44.45
C PRO A 394 -17.53 -15.35 -43.85
N LEU A 395 -16.59 -15.45 -42.90
CA LEU A 395 -15.96 -14.28 -42.30
C LEU A 395 -14.93 -13.64 -43.24
N VAL A 396 -14.15 -14.48 -43.92
CA VAL A 396 -13.13 -14.00 -44.87
C VAL A 396 -13.78 -13.32 -46.09
N ARG A 397 -14.89 -13.90 -46.57
CA ARG A 397 -15.66 -13.31 -47.67
C ARG A 397 -16.17 -11.92 -47.32
N GLY A 398 -16.58 -11.74 -46.08
CA GLY A 398 -17.02 -10.44 -45.56
C GLY A 398 -15.91 -9.39 -45.60
N LEU A 399 -14.71 -9.79 -45.23
CA LEU A 399 -13.54 -8.90 -45.26
C LEU A 399 -13.30 -8.32 -46.66
N LEU A 400 -13.52 -9.15 -47.69
CA LEU A 400 -13.28 -8.76 -49.08
C LEU A 400 -14.42 -7.93 -49.67
N ALA A 401 -15.66 -8.25 -49.30
CA ALA A 401 -16.83 -7.64 -49.92
C ALA A 401 -17.40 -6.42 -49.18
N LYS A 402 -17.17 -6.33 -47.88
CA LYS A 402 -17.66 -5.20 -47.08
C LYS A 402 -16.63 -4.08 -47.00
N ASN A 403 -17.10 -2.89 -46.63
CA ASN A 403 -16.26 -1.69 -46.52
C ASN A 403 -15.78 -1.41 -45.10
N SER A 404 -14.63 -0.75 -44.99
CA SER A 404 -14.17 -0.19 -43.73
C SER A 404 -14.96 1.08 -43.41
N LYS A 405 -14.84 1.56 -42.19
CA LYS A 405 -15.39 2.86 -41.82
C LYS A 405 -14.42 3.95 -42.26
N LEU A 406 -14.95 5.00 -42.87
CA LEU A 406 -14.15 6.18 -43.18
C LEU A 406 -14.10 7.07 -41.96
N MET A 407 -12.96 7.72 -41.77
CA MET A 407 -12.81 8.75 -40.74
C MET A 407 -13.62 9.98 -41.13
N ASN A 408 -14.36 10.49 -40.16
CA ASN A 408 -15.08 11.74 -40.28
C ASN A 408 -14.79 12.55 -39.03
N GLN A 409 -14.62 13.85 -39.17
CA GLN A 409 -14.40 14.74 -38.03
C GLN A 409 -15.65 14.87 -37.16
N ASN A 410 -16.81 14.53 -37.72
CA ASN A 410 -18.08 14.53 -37.01
C ASN A 410 -18.45 13.14 -36.50
N LYS A 411 -17.91 12.11 -37.14
CA LYS A 411 -18.19 10.73 -36.79
C LYS A 411 -16.89 9.92 -36.65
N MET A 412 -16.31 9.97 -35.45
CA MET A 412 -14.97 9.42 -35.21
C MET A 412 -14.93 7.92 -34.88
N VAL A 413 -15.36 7.54 -33.67
CA VAL A 413 -15.34 6.12 -33.26
C VAL A 413 -16.76 5.60 -33.05
N THR A 414 -17.03 4.39 -33.54
CA THR A 414 -18.34 3.76 -33.39
C THR A 414 -18.67 3.41 -31.93
N SER A 415 -19.97 3.46 -31.59
CA SER A 415 -20.45 3.17 -30.23
C SER A 415 -20.13 1.75 -29.77
N GLU A 416 -20.02 0.83 -30.73
CA GLU A 416 -19.63 -0.55 -30.48
C GLU A 416 -18.27 -0.64 -29.80
N LEU A 417 -17.44 0.39 -30.00
CA LEU A 417 -16.14 0.49 -29.35
C LEU A 417 -16.12 1.57 -28.29
N ARG A 418 -16.91 2.62 -28.47
CA ARG A 418 -16.89 3.79 -27.59
C ARG A 418 -17.79 3.67 -26.36
N ASN A 419 -18.77 2.78 -26.42
CA ASN A 419 -19.63 2.53 -25.25
C ASN A 419 -19.67 1.07 -24.83
N LYS A 420 -19.44 0.17 -25.78
CA LYS A 420 -19.73 -1.24 -25.56
C LYS A 420 -18.52 -2.17 -25.74
N LEU A 421 -17.32 -1.63 -25.50
CA LEU A 421 -16.10 -2.44 -25.55
C LEU A 421 -16.06 -3.46 -24.41
N PHE A 422 -15.63 -4.67 -24.74
CA PHE A 422 -15.39 -5.70 -23.75
C PHE A 422 -13.90 -5.76 -23.50
N GLN A 423 -13.51 -5.92 -22.23
CA GLN A 423 -12.12 -6.16 -21.88
C GLN A 423 -11.94 -7.47 -21.11
N PRO A 424 -10.84 -8.21 -21.39
CA PRO A 424 -10.66 -9.59 -20.95
C PRO A 424 -10.80 -9.82 -19.44
N THR A 425 -10.38 -8.85 -18.64
CA THR A 425 -10.41 -9.00 -17.18
C THR A 425 -11.82 -8.87 -16.62
N HIS A 426 -12.57 -7.90 -17.13
CA HIS A 426 -13.86 -7.52 -16.55
C HIS A 426 -15.04 -8.25 -17.17
N LYS A 427 -16.26 -7.82 -16.82
CA LYS A 427 -17.46 -8.60 -17.12
C LYS A 427 -18.52 -7.88 -17.95
N VAL A 428 -18.45 -6.54 -18.00
CA VAL A 428 -19.45 -5.77 -18.74
C VAL A 428 -19.00 -5.45 -20.17
N HIS A 429 -19.97 -5.33 -21.09
CA HIS A 429 -19.72 -4.77 -22.40
C HIS A 429 -19.97 -3.27 -22.30
N GLY A 430 -19.08 -2.56 -21.59
CA GLY A 430 -19.31 -1.16 -21.26
C GLY A 430 -18.11 -0.23 -21.17
N PHE A 431 -16.98 -0.65 -21.75
CA PHE A 431 -15.78 0.18 -21.76
C PHE A 431 -15.73 1.09 -22.99
N ASP A 432 -14.85 2.08 -22.95
CA ASP A 432 -14.73 3.06 -24.03
C ASP A 432 -13.29 3.09 -24.56
N LEU A 433 -13.12 2.61 -25.80
CA LEU A 433 -11.81 2.58 -26.43
C LEU A 433 -11.20 3.96 -26.64
N ALA A 434 -12.04 4.95 -26.96
CA ALA A 434 -11.58 6.33 -27.13
C ALA A 434 -11.11 6.94 -25.80
N ALA A 435 -11.88 6.70 -24.73
CA ALA A 435 -11.51 7.19 -23.40
C ALA A 435 -10.26 6.49 -22.86
N ILE A 436 -10.13 5.19 -23.15
CA ILE A 436 -8.94 4.42 -22.77
C ILE A 436 -7.68 4.97 -23.48
N ASN A 437 -7.80 5.25 -24.77
CA ASN A 437 -6.68 5.77 -25.57
C ASN A 437 -6.13 7.10 -25.06
N LEU A 438 -7.04 7.99 -24.65
CA LEU A 438 -6.66 9.31 -24.15
C LEU A 438 -6.05 9.25 -22.76
N GLN A 439 -6.59 8.38 -21.91
CA GLN A 439 -6.03 8.12 -20.59
C GLN A 439 -4.65 7.47 -20.72
N ARG A 440 -4.49 6.63 -21.74
CA ARG A 440 -3.22 5.93 -22.01
C ARG A 440 -2.14 6.89 -22.53
N CYS A 441 -2.56 7.88 -23.31
CA CYS A 441 -1.66 8.95 -23.76
C CYS A 441 -0.98 9.60 -22.56
N ARG A 442 -1.78 9.90 -21.53
CA ARG A 442 -1.30 10.56 -20.33
C ARG A 442 -0.49 9.61 -19.45
N ASP A 443 -0.98 8.39 -19.31
CA ASP A 443 -0.28 7.32 -18.59
C ASP A 443 1.15 7.17 -19.11
N HIS A 444 1.30 7.17 -20.44
CA HIS A 444 2.58 6.98 -21.13
C HIS A 444 3.48 8.23 -21.15
N GLY A 445 2.98 9.34 -20.63
CA GLY A 445 3.76 10.58 -20.56
C GLY A 445 3.98 11.27 -21.89
N MET A 446 2.96 11.29 -22.74
CA MET A 446 3.04 11.94 -24.04
C MET A 446 3.13 13.47 -23.94
N PRO A 447 4.07 14.07 -24.69
CA PRO A 447 3.99 15.49 -25.00
C PRO A 447 2.69 15.82 -25.74
N GLY A 448 2.27 17.09 -25.68
CA GLY A 448 1.03 17.53 -26.33
C GLY A 448 1.08 17.56 -27.85
N TYR A 449 -0.03 17.99 -28.46
CA TYR A 449 -0.21 18.01 -29.91
C TYR A 449 0.78 18.93 -30.64
N ASN A 450 1.07 20.08 -30.04
CA ASN A 450 2.00 21.05 -30.64
C ASN A 450 3.47 20.66 -30.60
N SER A 451 3.84 19.86 -29.59
CA SER A 451 5.21 19.35 -29.48
C SER A 451 5.52 18.41 -30.63
N TRP A 452 4.52 17.62 -31.02
CA TRP A 452 4.66 16.70 -32.15
C TRP A 452 4.57 17.43 -33.48
N ARG A 453 3.70 18.44 -33.54
CA ARG A 453 3.61 19.32 -34.70
C ARG A 453 4.97 19.94 -35.01
N GLY A 454 5.65 20.42 -33.97
CA GLY A 454 6.99 20.99 -34.10
C GLY A 454 8.02 19.95 -34.51
N PHE A 455 7.87 18.74 -33.97
CA PHE A 455 8.74 17.61 -34.27
C PHE A 455 8.64 17.18 -35.74
N CYS A 456 7.46 17.34 -36.32
CA CYS A 456 7.22 16.92 -37.70
C CYS A 456 7.42 18.04 -38.72
N GLY A 457 7.91 19.19 -38.26
CA GLY A 457 8.18 20.34 -39.12
C GLY A 457 6.92 21.03 -39.61
N LEU A 458 5.88 21.01 -38.79
CA LEU A 458 4.60 21.63 -39.15
C LEU A 458 4.28 22.79 -38.22
N SER A 459 3.34 23.64 -38.64
CA SER A 459 2.94 24.80 -37.85
C SER A 459 2.37 24.39 -36.49
N GLN A 460 2.55 25.27 -35.51
CA GLN A 460 2.07 25.03 -34.15
C GLN A 460 1.02 26.09 -33.78
N PRO A 461 -0.27 25.75 -33.94
CA PRO A 461 -1.36 26.69 -33.64
C PRO A 461 -1.42 27.07 -32.17
N LYS A 462 -1.70 28.34 -31.91
CA LYS A 462 -1.84 28.84 -30.54
C LYS A 462 -3.25 29.39 -30.32
N THR A 463 -3.89 29.80 -31.41
CA THR A 463 -5.20 30.43 -31.38
C THR A 463 -6.29 29.59 -32.04
N LEU A 464 -7.54 30.00 -31.85
CA LEU A 464 -8.70 29.33 -32.43
C LEU A 464 -8.64 29.35 -33.97
N LYS A 465 -8.30 30.51 -34.54
CA LYS A 465 -8.19 30.67 -35.99
C LYS A 465 -7.06 29.83 -36.58
N GLY A 466 -5.95 29.75 -35.84
CA GLY A 466 -4.80 28.93 -36.24
C GLY A 466 -5.14 27.46 -36.26
N LEU A 467 -5.97 27.02 -35.30
CA LEU A 467 -6.44 25.64 -35.23
C LEU A 467 -7.54 25.39 -36.26
N GLN A 468 -8.37 26.40 -36.53
CA GLN A 468 -9.43 26.32 -37.55
C GLN A 468 -8.87 26.14 -38.96
N ALA A 469 -7.70 26.71 -39.20
CA ALA A 469 -7.02 26.61 -40.48
C ALA A 469 -6.42 25.22 -40.67
N VAL A 470 -5.88 24.67 -39.59
CA VAL A 470 -5.25 23.35 -39.61
C VAL A 470 -6.30 22.24 -39.75
N LEU A 471 -7.32 22.28 -38.90
CA LEU A 471 -8.35 21.24 -38.88
C LEU A 471 -9.38 21.43 -40.00
N LYS A 472 -9.39 22.63 -40.59
CA LYS A 472 -10.34 23.01 -41.64
C LYS A 472 -11.79 22.76 -41.21
N ASN A 473 -12.04 23.02 -39.92
CA ASN A 473 -13.33 22.79 -39.28
C ASN A 473 -13.49 23.73 -38.09
N LYS A 474 -14.45 24.66 -38.17
CA LYS A 474 -14.69 25.66 -37.11
C LYS A 474 -15.24 25.06 -35.82
N VAL A 475 -16.17 24.12 -35.96
CA VAL A 475 -16.83 23.49 -34.81
C VAL A 475 -15.86 22.60 -34.03
N LEU A 476 -15.19 21.70 -34.74
CA LEU A 476 -14.24 20.78 -34.13
C LEU A 476 -13.12 21.50 -33.38
N ALA A 477 -12.57 22.55 -34.01
CA ALA A 477 -11.52 23.37 -33.38
C ALA A 477 -12.02 24.11 -32.14
N LYS A 478 -13.26 24.60 -32.21
CA LYS A 478 -13.89 25.30 -31.10
C LYS A 478 -14.20 24.33 -29.96
N LYS A 479 -14.65 23.13 -30.32
CA LYS A 479 -14.99 22.09 -29.35
C LYS A 479 -13.76 21.54 -28.63
N LEU A 480 -12.63 21.53 -29.33
CA LEU A 480 -11.37 21.06 -28.76
C LEU A 480 -10.78 22.07 -27.77
N LEU A 481 -10.81 23.35 -28.14
CA LEU A 481 -10.31 24.41 -27.27
C LEU A 481 -11.22 24.70 -26.07
N ASP A 482 -12.50 24.36 -26.21
CA ASP A 482 -13.44 24.44 -25.08
C ASP A 482 -13.07 23.47 -23.98
N LEU A 483 -12.53 22.31 -24.37
CA LEU A 483 -12.09 21.29 -23.43
C LEU A 483 -10.63 21.46 -23.02
N TYR A 484 -9.77 21.67 -24.02
CA TYR A 484 -8.33 21.71 -23.81
C TYR A 484 -7.75 23.10 -23.53
N LYS A 485 -8.52 24.14 -23.85
CA LYS A 485 -8.21 25.55 -23.54
C LYS A 485 -6.99 26.10 -24.28
N THR A 486 -6.19 25.20 -24.85
CA THR A 486 -5.00 25.56 -25.62
C THR A 486 -4.65 24.40 -26.54
N PRO A 487 -4.07 24.69 -27.73
CA PRO A 487 -3.64 23.60 -28.59
C PRO A 487 -2.42 22.82 -28.06
N ASP A 488 -1.74 23.36 -27.05
CA ASP A 488 -0.57 22.74 -26.42
C ASP A 488 -0.92 21.48 -25.62
N ASN A 489 -2.14 21.44 -25.08
CA ASN A 489 -2.55 20.38 -24.16
C ASN A 489 -3.35 19.25 -24.80
N ILE A 490 -3.75 19.44 -26.06
CA ILE A 490 -4.48 18.43 -26.82
C ILE A 490 -3.67 17.13 -26.89
N ASP A 491 -4.27 16.04 -26.43
CA ASP A 491 -3.65 14.71 -26.45
C ASP A 491 -3.32 14.28 -27.88
N ILE A 492 -2.13 13.72 -28.07
CA ILE A 492 -1.63 13.34 -29.40
C ILE A 492 -2.64 12.51 -30.21
N TRP A 493 -3.29 11.55 -29.56
CA TRP A 493 -4.25 10.68 -30.23
C TRP A 493 -5.38 11.45 -30.88
N ILE A 494 -6.04 12.34 -30.12
CA ILE A 494 -7.16 13.11 -30.63
C ILE A 494 -6.73 14.22 -31.59
N GLY A 495 -5.54 14.79 -31.34
CA GLY A 495 -5.00 15.84 -32.19
C GLY A 495 -4.65 15.37 -33.58
N GLY A 496 -3.90 14.27 -33.65
CA GLY A 496 -3.48 13.67 -34.92
C GLY A 496 -4.63 13.24 -35.80
N ASN A 497 -5.63 12.61 -35.19
CA ASN A 497 -6.77 12.07 -35.93
C ASN A 497 -7.82 13.09 -36.35
N ALA A 498 -7.76 14.29 -35.78
CA ALA A 498 -8.70 15.36 -36.12
C ALA A 498 -8.30 16.10 -37.39
N GLU A 499 -7.02 16.01 -37.77
CA GLU A 499 -6.50 16.67 -38.96
C GLU A 499 -7.10 16.04 -40.22
N PRO A 500 -7.45 16.86 -41.23
CA PRO A 500 -7.98 16.30 -42.47
C PRO A 500 -6.97 15.38 -43.15
N MET A 501 -7.46 14.30 -43.75
CA MET A 501 -6.61 13.32 -44.41
C MET A 501 -5.83 13.90 -45.59
N VAL A 502 -4.60 13.43 -45.76
CA VAL A 502 -3.80 13.79 -46.92
C VAL A 502 -4.38 13.18 -48.20
N GLU A 503 -3.89 13.65 -49.34
CA GLU A 503 -4.43 13.24 -50.64
C GLU A 503 -4.09 11.78 -50.95
N ARG A 504 -5.13 10.99 -51.22
CA ARG A 504 -5.02 9.55 -51.51
C ARG A 504 -4.57 8.71 -50.31
N GLY A 505 -4.67 9.29 -49.12
CA GLY A 505 -4.29 8.60 -47.89
C GLY A 505 -5.45 8.51 -46.90
N ARG A 506 -5.16 8.05 -45.69
CA ARG A 506 -6.17 7.91 -44.63
C ARG A 506 -5.71 8.43 -43.28
N VAL A 507 -4.59 9.15 -43.27
CA VAL A 507 -4.15 9.89 -42.09
C VAL A 507 -3.81 11.31 -42.50
N GLY A 508 -3.83 12.24 -41.55
CA GLY A 508 -3.45 13.63 -41.78
C GLY A 508 -1.95 13.86 -41.79
N PRO A 509 -1.51 15.11 -42.01
CA PRO A 509 -0.10 15.51 -42.10
C PRO A 509 0.79 15.05 -40.93
N LEU A 510 0.31 15.24 -39.69
CA LEU A 510 1.09 14.85 -38.51
C LEU A 510 1.28 13.35 -38.41
N LEU A 511 0.17 12.61 -38.53
CA LEU A 511 0.22 11.15 -38.45
C LEU A 511 1.06 10.54 -39.56
N ALA A 512 0.91 11.07 -40.78
CA ALA A 512 1.70 10.64 -41.94
C ALA A 512 3.20 10.73 -41.67
N CYS A 513 3.60 11.75 -40.92
CA CYS A 513 4.99 11.95 -40.53
C CYS A 513 5.41 10.93 -39.48
N LEU A 514 4.64 10.84 -38.40
CA LEU A 514 4.92 9.91 -37.29
C LEU A 514 4.97 8.46 -37.75
N LEU A 515 3.95 8.02 -38.49
CA LEU A 515 3.89 6.68 -39.07
C LEU A 515 4.98 6.47 -40.10
N GLY A 516 5.17 7.46 -40.97
CA GLY A 516 6.18 7.39 -42.03
C GLY A 516 7.61 7.28 -41.54
N ARG A 517 7.94 8.04 -40.50
CA ARG A 517 9.28 7.98 -39.89
C ARG A 517 9.57 6.59 -39.33
N GLN A 518 8.59 6.01 -38.64
CA GLN A 518 8.74 4.72 -37.97
C GLN A 518 8.90 3.53 -38.93
N PHE A 519 7.99 3.42 -39.90
CA PHE A 519 8.02 2.32 -40.87
C PHE A 519 9.31 2.32 -41.68
N GLN A 520 9.81 3.52 -42.00
CA GLN A 520 11.10 3.69 -42.65
C GLN A 520 12.23 3.10 -41.79
N GLN A 521 12.23 3.46 -40.51
CA GLN A 521 13.24 3.03 -39.55
C GLN A 521 13.28 1.51 -39.36
N ILE A 522 12.12 0.89 -39.18
CA ILE A 522 12.05 -0.56 -38.98
C ILE A 522 12.46 -1.34 -40.23
N ARG A 523 12.28 -0.73 -41.40
CA ARG A 523 12.71 -1.31 -42.67
C ARG A 523 14.22 -1.11 -42.90
N ASP A 524 14.68 0.13 -42.77
CA ASP A 524 16.10 0.45 -42.97
C ASP A 524 16.98 -0.16 -41.89
N GLY A 525 16.43 -0.34 -40.69
CA GLY A 525 17.20 -0.83 -39.54
C GLY A 525 17.08 -2.32 -39.27
N ASP A 526 16.44 -3.03 -40.19
CA ASP A 526 16.28 -4.47 -40.08
C ASP A 526 17.33 -5.16 -40.95
N ARG A 527 18.11 -6.04 -40.34
CA ARG A 527 19.16 -6.77 -41.06
C ARG A 527 18.55 -7.87 -41.93
N PHE A 528 17.39 -8.36 -41.54
CA PHE A 528 16.72 -9.45 -42.24
C PHE A 528 15.57 -9.00 -43.13
N TRP A 529 15.59 -7.72 -43.53
CA TRP A 529 14.64 -7.21 -44.52
C TRP A 529 14.72 -8.06 -45.79
N TRP A 530 13.57 -8.32 -46.40
CA TRP A 530 13.49 -9.29 -47.50
C TRP A 530 14.31 -8.90 -48.73
N GLU A 531 14.55 -7.60 -48.89
CA GLU A 531 15.30 -7.08 -50.05
C GLU A 531 16.79 -6.91 -49.80
N ASN A 532 17.20 -6.98 -48.53
CA ASN A 532 18.61 -6.90 -48.17
C ASN A 532 19.38 -8.05 -48.83
N PRO A 533 20.39 -7.73 -49.67
CA PRO A 533 21.18 -8.79 -50.32
C PRO A 533 21.73 -9.81 -49.34
N GLY A 534 21.57 -11.09 -49.65
CA GLY A 534 22.08 -12.17 -48.82
C GLY A 534 21.06 -12.81 -47.90
N VAL A 535 19.95 -12.11 -47.67
CA VAL A 535 18.86 -12.65 -46.86
C VAL A 535 18.07 -13.68 -47.66
N PHE A 536 17.68 -13.31 -48.87
CA PHE A 536 17.12 -14.26 -49.84
C PHE A 536 17.98 -14.27 -51.09
N THR A 537 17.98 -15.38 -51.81
CA THR A 537 18.65 -15.45 -53.12
C THR A 537 17.82 -14.66 -54.12
N GLU A 538 18.42 -14.32 -55.27
CA GLU A 538 17.74 -13.52 -56.29
C GLU A 538 16.48 -14.19 -56.81
N LYS A 539 16.57 -15.49 -57.09
CA LYS A 539 15.43 -16.26 -57.58
C LYS A 539 14.30 -16.35 -56.55
N GLN A 540 14.68 -16.34 -55.26
CA GLN A 540 13.72 -16.37 -54.16
C GLN A 540 12.91 -15.07 -54.10
N ARG A 541 13.59 -13.95 -54.32
CA ARG A 541 12.94 -12.64 -54.30
C ARG A 541 11.97 -12.45 -55.46
N ASP A 542 12.31 -13.01 -56.61
CA ASP A 542 11.44 -13.00 -57.80
C ASP A 542 10.16 -13.80 -57.58
N SER A 543 10.21 -14.76 -56.67
CA SER A 543 9.03 -15.53 -56.28
C SER A 543 8.16 -14.74 -55.32
N LEU A 544 8.80 -14.10 -54.34
CA LEU A 544 8.12 -13.38 -53.25
C LEU A 544 7.40 -12.12 -53.69
N GLN A 545 7.79 -11.58 -54.84
CA GLN A 545 7.16 -10.37 -55.39
C GLN A 545 5.76 -10.63 -55.91
N LYS A 546 5.44 -11.90 -56.18
CA LYS A 546 4.15 -12.26 -56.76
C LYS A 546 3.11 -12.68 -55.71
N VAL A 547 3.47 -12.62 -54.44
CA VAL A 547 2.52 -12.91 -53.36
C VAL A 547 1.45 -11.81 -53.25
N SER A 548 0.27 -12.20 -52.78
CA SER A 548 -0.82 -11.28 -52.50
C SER A 548 -1.70 -11.87 -51.38
N PHE A 549 -2.47 -11.02 -50.70
CA PHE A 549 -3.38 -11.51 -49.68
C PHE A 549 -4.49 -12.35 -50.32
N SER A 550 -4.80 -12.05 -51.57
CA SER A 550 -5.75 -12.85 -52.37
C SER A 550 -5.30 -14.30 -52.44
N ARG A 551 -4.02 -14.51 -52.76
CA ARG A 551 -3.42 -15.85 -52.83
C ARG A 551 -3.43 -16.57 -51.47
N LEU A 552 -3.27 -15.81 -50.39
CA LEU A 552 -3.33 -16.36 -49.04
C LEU A 552 -4.70 -17.01 -48.80
N ILE A 553 -5.75 -16.29 -49.20
CA ILE A 553 -7.13 -16.78 -49.09
C ILE A 553 -7.34 -18.04 -49.94
N CYS A 554 -6.83 -18.01 -51.17
CA CYS A 554 -7.00 -19.12 -52.11
C CYS A 554 -6.36 -20.43 -51.66
N ASP A 555 -5.16 -20.35 -51.09
CA ASP A 555 -4.42 -21.53 -50.65
C ASP A 555 -4.90 -22.10 -49.32
N ASN A 556 -5.55 -21.25 -48.51
CA ASN A 556 -5.83 -21.60 -47.11
C ASN A 556 -7.30 -21.64 -46.71
N THR A 557 -8.19 -21.31 -47.64
CA THR A 557 -9.63 -21.44 -47.42
C THR A 557 -10.26 -22.23 -48.56
N HIS A 558 -11.56 -22.48 -48.46
CA HIS A 558 -12.31 -23.05 -49.58
C HIS A 558 -13.12 -21.99 -50.33
N ILE A 559 -12.67 -20.75 -50.23
CA ILE A 559 -13.20 -19.64 -51.02
C ILE A 559 -12.51 -19.68 -52.37
N THR A 560 -13.30 -19.57 -53.43
CA THR A 560 -12.78 -19.71 -54.79
C THR A 560 -12.83 -18.43 -55.62
N LYS A 561 -13.60 -17.44 -55.17
CA LYS A 561 -13.69 -16.15 -55.86
C LYS A 561 -13.11 -15.02 -55.00
N VAL A 562 -12.04 -14.40 -55.50
CA VAL A 562 -11.32 -13.34 -54.78
C VAL A 562 -10.98 -12.16 -55.71
N PRO A 563 -10.85 -10.95 -55.14
CA PRO A 563 -10.40 -9.80 -55.93
C PRO A 563 -8.87 -9.78 -56.10
N LEU A 564 -8.39 -9.13 -57.15
CA LEU A 564 -6.95 -9.03 -57.42
C LEU A 564 -6.26 -8.02 -56.53
N HIS A 565 -6.97 -6.93 -56.21
CA HIS A 565 -6.48 -5.92 -55.27
C HIS A 565 -7.42 -5.87 -54.06
N ALA A 566 -7.04 -6.60 -53.02
CA ALA A 566 -7.96 -6.91 -51.91
C ALA A 566 -8.19 -5.77 -50.92
N PHE A 567 -7.30 -4.77 -50.94
CA PHE A 567 -7.37 -3.66 -49.99
C PHE A 567 -8.27 -2.50 -50.42
N GLN A 568 -8.85 -2.61 -51.62
CA GLN A 568 -9.77 -1.60 -52.11
C GLN A 568 -11.20 -2.13 -52.16
N ALA A 569 -12.17 -1.23 -52.30
CA ALA A 569 -13.58 -1.61 -52.33
C ALA A 569 -13.92 -2.40 -53.60
N ASN A 570 -14.32 -3.65 -53.42
CA ASN A 570 -14.69 -4.53 -54.50
C ASN A 570 -16.15 -4.95 -54.41
N ASN A 571 -16.78 -5.14 -55.56
CA ASN A 571 -18.17 -5.56 -55.62
C ASN A 571 -18.31 -6.89 -56.35
N TYR A 572 -19.17 -7.77 -55.82
CA TYR A 572 -19.47 -9.05 -56.44
C TYR A 572 -20.62 -8.90 -57.45
N PRO A 573 -20.52 -9.56 -58.62
CA PRO A 573 -19.46 -10.48 -59.05
C PRO A 573 -18.34 -9.85 -59.87
N HIS A 574 -18.50 -8.59 -60.25
CA HIS A 574 -17.63 -7.97 -61.24
C HIS A 574 -16.13 -7.99 -60.93
N ASP A 575 -15.77 -7.50 -59.74
CA ASP A 575 -14.36 -7.35 -59.37
C ASP A 575 -13.70 -8.65 -58.90
N PHE A 576 -14.50 -9.70 -58.74
CA PHE A 576 -14.04 -10.99 -58.24
C PHE A 576 -13.71 -11.99 -59.36
N VAL A 577 -12.58 -12.69 -59.23
CA VAL A 577 -12.14 -13.67 -60.22
C VAL A 577 -11.82 -15.01 -59.55
N ASP A 578 -11.79 -16.09 -60.33
CA ASP A 578 -11.36 -17.40 -59.83
C ASP A 578 -9.91 -17.35 -59.36
N CYS A 579 -9.58 -18.19 -58.37
CA CYS A 579 -8.24 -18.27 -57.79
C CYS A 579 -7.13 -18.60 -58.78
N SER A 580 -7.50 -19.21 -59.91
CA SER A 580 -6.56 -19.60 -60.95
C SER A 580 -5.95 -18.40 -61.70
N ALA A 581 -6.59 -17.24 -61.61
CA ALA A 581 -6.08 -16.00 -62.21
C ALA A 581 -5.09 -15.28 -61.29
N VAL A 582 -4.96 -15.79 -60.06
CA VAL A 582 -4.07 -15.20 -59.07
C VAL A 582 -2.73 -15.95 -59.06
N ASP A 583 -1.64 -15.20 -59.19
CA ASP A 583 -0.29 -15.77 -59.20
C ASP A 583 -0.02 -16.56 -57.92
N LYS A 584 0.55 -17.74 -58.09
CA LYS A 584 0.94 -18.61 -56.97
C LYS A 584 2.33 -18.22 -56.48
N LEU A 585 2.65 -18.60 -55.24
CA LEU A 585 4.02 -18.49 -54.74
C LEU A 585 4.79 -19.73 -55.17
N ASP A 586 5.78 -19.52 -56.03
CA ASP A 586 6.63 -20.60 -56.50
C ASP A 586 7.76 -20.83 -55.50
N LEU A 587 7.84 -22.06 -54.98
CA LEU A 587 8.85 -22.39 -53.98
C LEU A 587 10.02 -23.21 -54.55
N SER A 588 10.11 -23.24 -55.88
CA SER A 588 11.18 -23.96 -56.59
C SER A 588 12.59 -23.53 -56.15
N PRO A 589 12.86 -22.22 -56.01
CA PRO A 589 14.21 -21.76 -55.64
C PRO A 589 14.64 -22.11 -54.21
N TRP A 590 13.74 -22.72 -53.43
CA TRP A 590 14.08 -23.18 -52.08
C TRP A 590 14.60 -24.61 -52.07
N ALA A 591 14.56 -25.27 -53.22
CA ALA A 591 15.06 -26.64 -53.36
C ALA A 591 16.58 -26.63 -53.42
N SER A 592 17.21 -27.26 -52.43
CA SER A 592 18.66 -27.33 -52.36
C SER A 592 19.15 -28.75 -52.57
N ARG A 593 20.30 -28.90 -53.22
CA ARG A 593 20.85 -30.22 -53.53
C ARG A 593 22.27 -30.44 -52.98
N GLU A 594 22.53 -31.67 -52.54
CA GLU A 594 23.77 -32.08 -51.84
C GLU A 594 25.10 -31.66 -52.51
N ASN A 595 25.40 -32.26 -53.67
CA ASN A 595 26.66 -32.04 -54.38
C ASN A 595 26.82 -30.60 -54.88
N SER B 1 30.54 15.46 23.62
CA SER B 1 29.83 16.67 23.97
C SER B 1 29.07 17.26 22.77
N TRP B 2 28.07 16.53 22.28
CA TRP B 2 27.36 16.90 21.04
C TRP B 2 26.38 18.08 21.31
N GLU B 3 25.50 18.41 20.35
CA GLU B 3 24.63 19.59 20.51
C GLU B 3 23.79 19.43 21.74
N VAL B 4 23.87 20.45 22.59
CA VAL B 4 23.56 20.38 24.01
C VAL B 4 22.36 21.14 24.45
N GLY B 5 21.85 21.94 23.55
CA GLY B 5 20.61 22.70 23.73
C GLY B 5 19.47 22.31 22.81
N CYS B 6 19.64 21.21 22.07
CA CYS B 6 18.67 20.78 21.06
C CYS B 6 17.34 20.34 21.67
N GLY B 7 16.27 20.99 21.24
CA GLY B 7 14.94 20.71 21.76
C GLY B 7 13.77 21.29 20.98
N ALA B 8 12.61 20.66 21.12
CA ALA B 8 11.40 21.15 20.49
C ALA B 8 10.18 21.05 21.45
N PRO B 9 10.08 21.95 22.40
CA PRO B 9 9.05 21.99 23.46
C PRO B 9 8.13 23.21 23.40
N VAL B 10 7.63 23.54 24.59
CA VAL B 10 6.90 24.75 24.93
C VAL B 10 7.84 25.81 25.47
N PRO B 11 8.77 26.30 24.69
CA PRO B 11 9.86 27.12 25.20
C PRO B 11 9.44 28.42 25.87
N LEU B 12 8.42 29.06 25.33
CA LEU B 12 8.02 30.36 25.78
C LEU B 12 7.22 30.14 26.99
N VAL B 13 7.89 29.68 28.02
CA VAL B 13 7.30 29.58 29.31
C VAL B 13 8.31 30.21 30.27
N THR B 14 7.87 31.21 31.02
CA THR B 14 8.68 32.06 31.92
C THR B 14 8.43 31.75 33.39
N CYS B 15 9.45 31.82 34.22
CA CYS B 15 9.27 31.49 35.63
C CYS B 15 8.79 32.65 36.48
N ASP B 16 7.85 32.37 37.37
CA ASP B 16 7.34 33.36 38.31
C ASP B 16 8.37 33.63 39.42
N GLU B 17 9.08 32.57 39.82
CA GLU B 17 10.12 32.62 40.87
C GLU B 17 9.54 32.72 42.29
N GLN B 18 8.29 33.16 42.40
CA GLN B 18 7.64 33.34 43.71
C GLN B 18 6.34 32.55 43.84
N SER B 19 5.97 31.85 42.76
CA SER B 19 4.71 31.10 42.70
C SER B 19 4.72 29.86 43.59
N PRO B 20 3.66 29.67 44.40
CA PRO B 20 3.57 28.49 45.26
C PRO B 20 3.02 27.27 44.54
N TYR B 21 2.66 27.42 43.26
CA TYR B 21 2.04 26.35 42.49
C TYR B 21 2.97 25.80 41.43
N ARG B 22 2.81 24.50 41.13
CA ARG B 22 3.49 23.85 40.02
C ARG B 22 3.00 24.42 38.69
N THR B 23 3.87 24.40 37.69
CA THR B 23 3.44 24.65 36.31
C THR B 23 2.90 23.36 35.71
N ILE B 24 2.05 23.49 34.70
CA ILE B 24 1.49 22.33 34.00
C ILE B 24 2.58 21.54 33.27
N THR B 25 3.48 22.25 32.60
CA THR B 25 4.56 21.64 31.81
C THR B 25 5.69 21.09 32.67
N GLY B 26 5.71 21.43 33.95
CA GLY B 26 6.74 20.95 34.87
C GLY B 26 7.96 21.84 34.92
N ASP B 27 7.96 22.92 34.13
CA ASP B 27 9.04 23.89 34.09
C ASP B 27 9.23 24.59 35.43
N CYS B 28 10.34 25.30 35.57
CA CYS B 28 10.57 26.20 36.70
C CYS B 28 10.59 25.53 38.08
N ASN B 29 10.65 24.20 38.08
CA ASN B 29 10.80 23.45 39.32
C ASN B 29 12.20 23.64 39.88
N ASN B 30 13.20 23.20 39.11
CA ASN B 30 14.58 23.52 39.39
C ASN B 30 14.86 24.96 38.94
N ARG B 31 15.49 25.74 39.81
CA ARG B 31 15.69 27.16 39.54
C ARG B 31 16.84 27.47 38.58
N ARG B 32 17.96 26.81 38.76
CA ARG B 32 19.14 27.00 37.91
C ARG B 32 18.91 26.41 36.51
N SER B 33 18.34 25.22 36.46
CA SER B 33 18.01 24.58 35.19
C SER B 33 16.51 24.33 35.09
N PRO B 34 15.75 25.34 34.58
CA PRO B 34 14.28 25.32 34.58
C PRO B 34 13.66 24.18 33.79
N ALA B 35 14.36 23.70 32.76
CA ALA B 35 13.86 22.65 31.87
C ALA B 35 13.88 21.26 32.50
N LEU B 36 14.63 21.13 33.60
CA LEU B 36 14.87 19.86 34.28
C LEU B 36 13.58 19.27 34.85
N GLY B 37 13.15 18.13 34.30
CA GLY B 37 11.91 17.48 34.73
C GLY B 37 10.68 17.86 33.92
N ALA B 38 10.82 18.88 33.07
CA ALA B 38 9.71 19.36 32.25
C ALA B 38 9.34 18.39 31.13
N ALA B 39 8.10 18.51 30.65
CA ALA B 39 7.58 17.63 29.60
C ALA B 39 8.12 17.97 28.21
N ASN B 40 8.02 17.00 27.29
CA ASN B 40 8.48 17.14 25.90
C ASN B 40 9.99 17.32 25.70
N ARG B 41 10.78 16.93 26.71
CA ARG B 41 12.24 16.88 26.60
C ARG B 41 12.68 15.42 26.47
N ALA B 42 13.98 15.21 26.34
CA ALA B 42 14.54 13.86 26.22
C ALA B 42 14.46 13.10 27.54
N LEU B 43 14.17 11.80 27.45
CA LEU B 43 14.36 10.89 28.56
C LEU B 43 15.85 10.89 28.90
N ALA B 44 16.15 10.88 30.20
CA ALA B 44 17.54 10.88 30.65
C ALA B 44 18.23 9.54 30.33
N ARG B 45 19.56 9.55 30.35
CA ARG B 45 20.36 8.37 30.08
C ARG B 45 21.33 8.08 31.22
N TRP B 46 21.03 7.05 32.00
CA TRP B 46 21.90 6.61 33.10
C TRP B 46 23.10 5.83 32.57
N LEU B 47 22.96 5.29 31.36
CA LEU B 47 24.04 4.65 30.63
C LEU B 47 23.97 5.05 29.17
N PRO B 48 25.11 5.00 28.45
CA PRO B 48 25.11 5.30 27.01
C PRO B 48 24.26 4.34 26.19
N ALA B 49 23.60 4.88 25.17
CA ALA B 49 22.70 4.11 24.30
C ALA B 49 23.45 3.05 23.51
N GLU B 50 22.80 1.90 23.32
CA GLU B 50 23.38 0.83 22.52
C GLU B 50 22.54 0.56 21.29
N TYR B 51 23.02 1.09 20.16
CA TYR B 51 22.40 0.87 18.86
C TYR B 51 23.33 0.06 17.96
N GLU B 52 22.79 -0.42 16.85
CA GLU B 52 23.52 -1.26 15.90
C GLU B 52 24.70 -0.51 15.28
N ASP B 53 24.47 0.77 14.95
CA ASP B 53 25.51 1.60 14.36
C ASP B 53 26.00 2.67 15.36
N GLY B 54 25.77 2.44 16.65
CA GLY B 54 26.14 3.37 17.70
C GLY B 54 25.43 4.72 17.65
N LEU B 55 24.42 4.82 16.78
CA LEU B 55 23.68 6.08 16.62
C LEU B 55 22.17 5.98 16.82
N ALA B 56 21.49 5.21 15.95
CA ALA B 56 20.02 5.20 15.94
C ALA B 56 19.37 3.88 15.50
N VAL B 57 20.13 3.00 14.85
CA VAL B 57 19.59 1.74 14.33
C VAL B 57 19.48 0.71 15.45
N PRO B 58 18.28 0.11 15.64
CA PRO B 58 18.09 -0.87 16.72
C PRO B 58 18.83 -2.18 16.46
N PHE B 59 19.20 -2.89 17.52
CA PHE B 59 19.70 -4.25 17.36
C PHE B 59 18.53 -5.13 16.92
N GLY B 60 18.79 -6.04 16.00
CA GLY B 60 17.74 -6.90 15.42
C GLY B 60 17.21 -6.39 14.09
N TRP B 61 17.60 -5.16 13.75
CA TRP B 61 17.20 -4.54 12.49
C TRP B 61 17.83 -5.27 11.29
N THR B 62 19.15 -5.36 11.30
CA THR B 62 19.91 -6.03 10.24
C THR B 62 20.32 -7.42 10.70
N GLN B 63 19.98 -8.43 9.87
CA GLN B 63 20.26 -9.84 10.18
C GLN B 63 21.75 -10.15 10.34
N ARG B 64 22.55 -9.71 9.36
CA ARG B 64 24.00 -9.98 9.36
C ARG B 64 24.74 -9.35 10.55
N LYS B 65 24.18 -8.29 11.12
CA LYS B 65 24.77 -7.63 12.29
C LYS B 65 24.49 -8.42 13.55
N THR B 66 25.53 -8.66 14.33
CA THR B 66 25.39 -9.40 15.58
C THR B 66 25.42 -8.44 16.76
N ARG B 67 25.02 -8.94 17.93
CA ARG B 67 25.25 -8.27 19.19
C ARG B 67 26.20 -9.15 20.00
N ASN B 68 27.41 -8.64 20.24
CA ASN B 68 28.46 -9.37 20.97
C ASN B 68 28.80 -10.74 20.38
N GLY B 69 28.69 -10.86 19.05
CA GLY B 69 29.05 -12.08 18.33
C GLY B 69 27.92 -13.05 18.06
N PHE B 70 26.69 -12.66 18.41
CA PHE B 70 25.52 -13.52 18.24
C PHE B 70 24.32 -12.75 17.72
N ARG B 71 23.46 -13.46 16.97
CA ARG B 71 22.18 -12.90 16.53
C ARG B 71 21.24 -12.69 17.71
N VAL B 72 20.50 -11.59 17.67
CA VAL B 72 19.44 -11.37 18.67
C VAL B 72 18.18 -12.14 18.26
N PRO B 73 17.51 -12.78 19.23
CA PRO B 73 16.31 -13.55 18.90
C PRO B 73 15.14 -12.62 18.56
N LEU B 74 14.29 -13.07 17.63
CA LEU B 74 13.06 -12.35 17.32
C LEU B 74 12.29 -12.11 18.62
N ALA B 75 11.78 -10.91 18.78
CA ALA B 75 11.05 -10.52 20.01
C ALA B 75 9.85 -11.43 20.30
N ARG B 76 9.14 -11.81 19.24
CA ARG B 76 7.96 -12.67 19.37
C ARG B 76 8.31 -14.12 19.74
N GLU B 77 9.50 -14.58 19.37
CA GLU B 77 9.92 -15.95 19.72
C GLU B 77 10.30 -16.07 21.19
N VAL B 78 10.94 -15.04 21.74
CA VAL B 78 11.22 -14.98 23.18
C VAL B 78 9.89 -15.03 23.92
N SER B 79 8.90 -14.30 23.38
CA SER B 79 7.55 -14.27 23.93
C SER B 79 6.87 -15.64 23.94
N ASN B 80 7.00 -16.36 22.84
CA ASN B 80 6.43 -17.72 22.71
C ASN B 80 7.06 -18.76 23.64
N LYS B 81 8.34 -18.59 23.95
CA LYS B 81 9.10 -19.61 24.68
C LYS B 81 9.31 -19.30 26.16
N ILE B 82 9.47 -18.02 26.49
CA ILE B 82 9.74 -17.61 27.87
C ILE B 82 8.47 -17.09 28.56
N VAL B 83 7.77 -16.19 27.88
CA VAL B 83 6.75 -15.34 28.51
C VAL B 83 5.35 -15.97 28.61
N GLY B 84 5.01 -16.84 27.67
CA GLY B 84 3.67 -17.42 27.59
C GLY B 84 3.29 -18.47 28.61
N TYR B 85 1.99 -18.70 28.75
CA TYR B 85 1.43 -19.82 29.53
C TYR B 85 -0.05 -20.04 29.19
N LEU B 86 -0.59 -21.18 29.61
CA LEU B 86 -1.98 -21.55 29.29
C LEU B 86 -2.91 -21.60 30.51
N ASP B 87 -2.38 -22.12 31.62
CA ASP B 87 -3.16 -22.34 32.84
C ASP B 87 -3.18 -21.13 33.77
N GLU B 88 -4.36 -20.56 33.98
CA GLU B 88 -4.52 -19.38 34.84
C GLU B 88 -4.78 -19.73 36.31
N GLU B 89 -4.66 -21.01 36.64
CA GLU B 89 -4.92 -21.48 38.00
C GLU B 89 -3.71 -21.38 38.92
N GLY B 90 -3.88 -20.68 40.04
CA GLY B 90 -2.81 -20.49 41.01
C GLY B 90 -1.93 -19.29 40.75
N VAL B 91 -2.22 -18.54 39.69
CA VAL B 91 -1.42 -17.36 39.32
C VAL B 91 -1.67 -16.14 40.20
N LEU B 92 -2.83 -16.09 40.86
CA LEU B 92 -3.22 -14.91 41.63
C LEU B 92 -2.39 -14.71 42.89
N ASP B 93 -1.96 -13.47 43.09
CA ASP B 93 -1.22 -13.07 44.28
C ASP B 93 -2.12 -13.18 45.51
N GLN B 94 -1.62 -13.86 46.54
CA GLN B 94 -2.42 -14.15 47.73
C GLN B 94 -2.42 -13.02 48.76
N ASN B 95 -1.53 -12.04 48.60
CA ASN B 95 -1.49 -10.88 49.51
C ASN B 95 -1.45 -9.52 48.80
N ARG B 96 -1.89 -9.48 47.54
CA ARG B 96 -2.00 -8.25 46.77
C ARG B 96 -3.33 -8.23 46.05
N SER B 97 -3.97 -7.07 46.06
CA SER B 97 -5.25 -6.90 45.40
C SER B 97 -5.06 -6.40 43.99
N LEU B 98 -6.17 -6.32 43.24
CA LEU B 98 -6.15 -5.81 41.87
C LEU B 98 -5.75 -4.34 41.82
N LEU B 99 -5.98 -3.64 42.93
CA LEU B 99 -5.61 -2.24 43.05
C LEU B 99 -4.10 -2.03 43.04
N PHE B 100 -3.35 -3.05 43.45
CA PHE B 100 -1.89 -3.00 43.42
C PHE B 100 -1.36 -2.95 41.98
N MET B 101 -1.94 -3.74 41.09
CA MET B 101 -1.67 -3.60 39.67
C MET B 101 -2.12 -2.23 39.19
N GLN B 102 -3.35 -1.85 39.52
CA GLN B 102 -3.92 -0.62 39.02
C GLN B 102 -3.14 0.61 39.40
N TRP B 103 -2.69 0.69 40.65
CA TRP B 103 -1.99 1.89 41.11
C TRP B 103 -0.66 2.03 40.43
N GLY B 104 -0.04 0.91 40.08
CA GLY B 104 1.21 0.91 39.33
C GLY B 104 1.10 1.66 38.03
N GLN B 105 0.00 1.44 37.31
CA GLN B 105 -0.26 2.10 36.02
C GLN B 105 -0.61 3.57 36.15
N ILE B 106 -1.26 3.95 37.24
CA ILE B 106 -1.58 5.34 37.51
C ILE B 106 -0.30 6.15 37.80
N VAL B 107 0.58 5.58 38.62
CA VAL B 107 1.90 6.17 38.89
C VAL B 107 2.78 6.21 37.62
N ASP B 108 2.79 5.11 36.90
CA ASP B 108 3.58 5.00 35.68
C ASP B 108 3.15 6.03 34.65
N HIS B 109 1.85 6.20 34.50
CA HIS B 109 1.27 7.13 33.54
C HIS B 109 1.55 8.58 33.90
N ASP B 110 1.72 8.84 35.19
CA ASP B 110 2.05 10.17 35.69
C ASP B 110 3.49 10.55 35.39
N LEU B 111 4.37 9.55 35.31
CA LEU B 111 5.79 9.80 35.20
C LEU B 111 6.35 9.79 33.77
N ASP B 112 5.96 8.81 32.95
CA ASP B 112 6.58 8.66 31.63
C ASP B 112 5.66 8.30 30.48
N PHE B 113 5.87 8.94 29.34
CA PHE B 113 5.17 8.61 28.11
C PHE B 113 6.02 8.92 26.89
N ALA B 114 6.44 7.87 26.18
CA ALA B 114 7.19 8.03 24.94
C ALA B 114 6.28 7.67 23.78
N PRO B 115 5.80 8.70 23.11
CA PRO B 115 4.90 8.55 22.01
C PRO B 115 5.58 7.98 20.85
N GLU B 116 4.74 7.26 20.17
CA GLU B 116 5.13 6.39 19.15
C GLU B 116 5.37 6.91 17.76
N THR B 117 5.91 8.10 17.59
CA THR B 117 6.18 8.43 16.23
C THR B 117 4.97 8.15 15.41
N GLU B 118 5.26 7.82 14.17
CA GLU B 118 4.23 7.57 13.22
C GLU B 118 3.75 8.94 12.83
N LEU B 119 2.71 8.92 12.00
CA LEU B 119 2.18 10.12 11.52
C LEU B 119 3.10 11.02 10.75
N GLY B 120 2.75 11.02 9.46
CA GLY B 120 3.06 12.02 8.55
C GLY B 120 1.72 12.81 8.56
N SER B 121 0.61 12.13 8.77
CA SER B 121 -0.73 12.75 8.74
C SER B 121 -1.36 12.64 7.38
N SER B 122 -1.91 11.45 7.15
CA SER B 122 -2.38 10.95 5.88
C SER B 122 -1.27 10.07 5.39
N GLU B 123 -1.37 8.77 5.58
CA GLU B 123 -0.27 7.91 5.18
C GLU B 123 -0.68 6.74 4.36
N HIS B 124 0.32 6.31 3.65
CA HIS B 124 0.26 5.06 2.91
C HIS B 124 1.50 4.24 3.27
N SER B 125 2.31 4.79 4.19
CA SER B 125 3.47 4.10 4.74
C SER B 125 3.06 3.25 5.93
N LYS B 126 1.87 3.55 6.47
CA LYS B 126 1.23 2.72 7.48
C LYS B 126 0.83 1.39 6.85
N VAL B 127 0.45 1.46 5.57
CA VAL B 127 0.02 0.31 4.78
C VAL B 127 1.15 -0.68 4.56
N GLN B 128 2.33 -0.18 4.20
CA GLN B 128 3.49 -1.04 3.96
C GLN B 128 3.96 -1.71 5.25
N CYS B 129 3.75 -1.04 6.38
CA CYS B 129 4.09 -1.60 7.68
C CYS B 129 3.11 -2.70 8.09
N GLU B 130 1.82 -2.40 8.01
CA GLU B 130 0.78 -3.34 8.43
C GLU B 130 0.52 -4.48 7.46
N GLU B 131 0.38 -4.17 6.18
CA GLU B 131 0.01 -5.17 5.19
C GLU B 131 1.18 -5.96 4.60
N TYR B 132 2.25 -5.27 4.22
CA TYR B 132 3.35 -5.91 3.51
C TYR B 132 4.55 -6.25 4.38
N CYS B 133 4.50 -5.81 5.64
CA CYS B 133 5.51 -6.10 6.68
C CYS B 133 6.94 -5.67 6.35
N VAL B 134 7.05 -4.54 5.65
CA VAL B 134 8.35 -4.08 5.20
C VAL B 134 9.00 -3.16 6.21
N GLN B 135 10.14 -3.59 6.72
CA GLN B 135 10.98 -2.79 7.59
C GLN B 135 11.46 -1.57 6.82
N GLY B 136 11.63 -0.46 7.52
CA GLY B 136 12.13 0.74 6.87
C GLY B 136 11.65 2.01 7.54
N ASP B 137 12.56 2.95 7.71
CA ASP B 137 12.29 4.21 8.38
C ASP B 137 11.66 3.77 9.69
N GLU B 138 10.51 4.34 10.02
CA GLU B 138 9.93 4.21 11.34
C GLU B 138 9.13 2.93 11.49
N CYS B 139 9.06 2.14 10.42
CA CYS B 139 8.41 0.84 10.48
C CYS B 139 9.40 -0.25 10.90
N PHE B 140 9.22 -0.76 12.12
CA PHE B 140 10.09 -1.76 12.71
C PHE B 140 9.24 -2.95 13.16
N PRO B 141 8.82 -3.80 12.21
CA PRO B 141 7.78 -4.80 12.45
C PRO B 141 8.24 -5.95 13.33
N ILE B 142 7.29 -6.54 14.05
CA ILE B 142 7.55 -7.72 14.87
C ILE B 142 7.22 -8.96 14.06
N MET B 143 8.25 -9.58 13.50
CA MET B 143 8.10 -10.72 12.61
C MET B 143 7.76 -12.00 13.35
N PHE B 144 6.91 -12.83 12.73
CA PHE B 144 6.50 -14.09 13.33
C PHE B 144 7.53 -15.18 13.11
N PRO B 145 7.94 -15.86 14.20
CA PRO B 145 8.84 -17.00 14.15
C PRO B 145 8.22 -18.19 13.47
N LYS B 146 9.04 -19.23 13.26
CA LYS B 146 8.61 -20.50 12.66
C LYS B 146 7.57 -21.18 13.55
N ASN B 147 6.49 -21.64 12.93
CA ASN B 147 5.40 -22.34 13.61
C ASN B 147 4.66 -21.53 14.68
N ASP B 148 4.54 -20.23 14.46
CA ASP B 148 3.69 -19.39 15.27
C ASP B 148 2.26 -19.60 14.79
N PRO B 149 1.32 -19.80 15.73
CA PRO B 149 -0.08 -19.96 15.41
C PRO B 149 -0.67 -18.74 14.71
N LYS B 150 -0.08 -17.57 14.94
CA LYS B 150 -0.56 -16.31 14.37
C LYS B 150 -0.24 -16.14 12.89
N LEU B 151 0.67 -16.98 12.37
CA LEU B 151 0.95 -17.03 10.94
C LEU B 151 -0.25 -17.47 10.14
N LYS B 152 -1.03 -18.38 10.72
CA LYS B 152 -2.17 -19.01 10.03
C LYS B 152 -3.43 -18.16 9.96
N THR B 153 -3.63 -17.29 10.96
CA THR B 153 -4.86 -16.51 11.09
C THR B 153 -4.69 -15.02 10.85
N GLN B 154 -3.56 -14.47 11.31
CA GLN B 154 -3.36 -13.03 11.40
C GLN B 154 -2.55 -12.40 10.27
N GLY B 155 -1.36 -12.94 10.03
CA GLY B 155 -0.47 -12.39 9.01
C GLY B 155 0.95 -12.89 9.14
N LYS B 156 1.89 -12.07 8.68
CA LYS B 156 3.31 -12.39 8.77
C LYS B 156 4.00 -11.65 9.91
N CYS B 157 3.41 -10.54 10.34
CA CYS B 157 3.98 -9.74 11.41
C CYS B 157 2.94 -8.88 12.11
N MET B 158 3.35 -8.32 13.26
CA MET B 158 2.60 -7.28 13.92
C MET B 158 3.27 -5.95 13.59
N PRO B 159 2.49 -4.98 13.08
CA PRO B 159 3.03 -3.65 12.86
C PRO B 159 3.51 -2.98 14.15
N PHE B 160 4.60 -2.24 14.02
CA PHE B 160 5.29 -1.61 15.13
C PHE B 160 6.00 -0.39 14.58
N PHE B 161 5.83 0.77 15.17
CA PHE B 161 6.42 1.98 14.68
C PHE B 161 7.32 2.53 15.73
N ARG B 162 8.51 2.99 15.37
CA ARG B 162 9.57 3.44 16.27
C ARG B 162 9.20 4.68 17.06
N ALA B 163 9.68 4.75 18.29
CA ALA B 163 9.41 5.86 19.20
C ALA B 163 9.98 7.19 18.74
N GLY B 164 9.28 8.28 19.00
CA GLY B 164 9.75 9.61 18.68
C GLY B 164 10.92 10.10 19.48
N PHE B 165 11.74 10.91 18.85
CA PHE B 165 13.01 11.30 19.38
C PHE B 165 13.22 12.78 19.26
N VAL B 166 14.16 13.28 20.04
CA VAL B 166 14.36 14.69 20.20
C VAL B 166 14.97 15.41 19.08
N CYS B 167 14.87 16.72 19.18
CA CYS B 167 15.05 17.61 18.04
C CYS B 167 13.85 17.13 17.19
N PRO B 168 14.08 16.79 15.96
CA PRO B 168 13.10 16.51 14.92
C PRO B 168 12.33 15.19 14.97
N THR B 169 11.63 14.84 13.89
CA THR B 169 11.04 13.51 13.65
C THR B 169 11.37 12.83 12.34
N PRO B 170 12.25 13.45 11.56
CA PRO B 170 12.66 12.85 10.31
C PRO B 170 13.75 11.83 10.66
N PRO B 171 14.12 10.91 9.75
CA PRO B 171 15.26 10.15 10.19
C PRO B 171 16.29 11.15 10.61
N TYR B 172 17.23 10.69 11.43
CA TYR B 172 18.21 11.70 11.77
C TYR B 172 19.64 11.26 11.92
N GLN B 173 20.48 12.29 12.05
CA GLN B 173 21.90 12.17 12.12
C GLN B 173 22.46 12.74 13.42
N SER B 174 23.65 12.29 13.77
CA SER B 174 24.40 12.72 14.97
C SER B 174 23.90 12.13 16.29
N LEU B 175 24.44 12.65 17.39
CA LEU B 175 24.34 12.07 18.75
C LEU B 175 23.34 10.93 18.89
N ALA B 176 23.74 9.90 19.62
CA ALA B 176 22.88 8.75 19.85
C ALA B 176 21.46 9.20 20.12
N ARG B 177 20.53 8.54 19.43
CA ARG B 177 19.10 8.83 19.45
C ARG B 177 18.55 8.73 20.85
N ASP B 178 17.80 9.76 21.24
CA ASP B 178 17.16 9.80 22.54
C ASP B 178 15.66 9.95 22.32
N GLN B 179 14.87 9.34 23.20
CA GLN B 179 13.42 9.38 23.05
C GLN B 179 12.83 10.47 23.93
N ILE B 180 11.65 10.94 23.54
CA ILE B 180 10.97 12.02 24.23
C ILE B 180 10.06 11.49 25.34
N ASN B 181 10.07 12.16 26.48
CA ASN B 181 9.05 11.99 27.51
C ASN B 181 8.05 13.14 27.42
N ALA B 182 6.80 12.81 27.06
CA ALA B 182 5.77 13.83 26.83
C ALA B 182 5.04 14.23 28.09
N VAL B 183 5.54 13.75 29.22
CA VAL B 183 4.91 13.94 30.52
C VAL B 183 5.95 14.54 31.47
N THR B 184 5.49 15.08 32.59
CA THR B 184 6.37 15.65 33.59
C THR B 184 6.93 14.54 34.49
N SER B 185 8.23 14.59 34.70
CA SER B 185 8.97 13.61 35.49
C SER B 185 8.56 13.56 36.96
N PHE B 186 8.01 14.66 37.47
CA PHE B 186 7.53 14.73 38.84
C PHE B 186 6.21 14.00 39.02
N LEU B 187 5.98 13.49 40.22
CA LEU B 187 4.71 12.86 40.56
C LEU B 187 3.74 13.96 41.01
N ASP B 188 3.14 14.61 40.03
CA ASP B 188 2.38 15.84 40.22
C ASP B 188 0.92 15.78 39.79
N ALA B 189 0.40 14.57 39.62
CA ALA B 189 -0.95 14.34 39.10
C ALA B 189 -1.08 14.87 37.67
N SER B 190 -0.08 14.56 36.84
CA SER B 190 -0.10 14.98 35.44
C SER B 190 -1.27 14.37 34.68
N LEU B 191 -1.61 13.12 34.99
CA LEU B 191 -2.68 12.41 34.30
C LEU B 191 -4.06 13.01 34.54
N VAL B 192 -4.21 13.74 35.65
CA VAL B 192 -5.46 14.42 35.92
C VAL B 192 -5.53 15.75 35.18
N TYR B 193 -4.44 16.52 35.21
CA TYR B 193 -4.44 17.91 34.76
C TYR B 193 -3.83 18.22 33.40
N GLY B 194 -3.04 17.30 32.86
CA GLY B 194 -2.35 17.51 31.60
C GLY B 194 -0.92 18.00 31.79
N SER B 195 -0.10 17.81 30.76
CA SER B 195 1.29 18.26 30.79
C SER B 195 1.57 19.35 29.76
N GLU B 196 0.50 19.87 29.16
CA GLU B 196 0.56 20.93 28.17
C GLU B 196 -0.47 21.99 28.57
N PRO B 197 -0.13 23.27 28.41
CA PRO B 197 -1.06 24.35 28.78
C PRO B 197 -2.32 24.35 27.93
N LEU B 199 -4.05 21.53 26.60
CA LEU B 199 -5.01 20.54 27.10
C LEU B 199 -5.51 20.88 28.51
N ALA B 200 -4.63 21.39 29.35
CA ALA B 200 -4.99 21.66 30.75
C ALA B 200 -6.17 22.62 30.90
N SER B 201 -6.26 23.61 30.01
CA SER B 201 -7.38 24.56 30.03
C SER B 201 -8.67 23.96 29.49
N ARG B 202 -8.55 23.11 28.48
CA ARG B 202 -9.69 22.39 27.89
C ARG B 202 -10.39 21.53 28.92
N LEU B 203 -9.64 21.06 29.91
CA LEU B 203 -10.14 20.13 30.91
C LEU B 203 -10.73 20.82 32.12
N ARG B 204 -10.69 22.15 32.12
CA ARG B 204 -11.17 22.95 33.24
C ARG B 204 -12.54 23.53 32.95
N ASN B 205 -13.38 23.61 33.98
CA ASN B 205 -14.68 24.28 33.89
C ASN B 205 -14.48 25.76 34.20
N LEU B 206 -14.24 26.53 33.15
CA LEU B 206 -13.93 27.95 33.27
C LEU B 206 -15.16 28.83 33.17
N SER B 207 -16.30 28.22 32.85
CA SER B 207 -17.58 28.92 32.80
C SER B 207 -18.04 29.34 34.21
N SER B 208 -17.81 28.47 35.18
CA SER B 208 -18.10 28.77 36.58
C SER B 208 -16.84 29.30 37.22
N PRO B 209 -16.98 30.15 38.25
CA PRO B 209 -15.80 30.62 38.96
C PRO B 209 -15.49 29.75 40.20
N LEU B 210 -15.68 28.45 40.08
CA LEU B 210 -15.56 27.54 41.21
C LEU B 210 -14.29 26.69 41.19
N GLY B 211 -13.55 26.77 40.09
CA GLY B 211 -12.28 26.06 39.95
C GLY B 211 -12.43 24.57 39.78
N LEU B 212 -13.50 24.15 39.10
CA LEU B 212 -13.78 22.74 38.90
C LEU B 212 -13.15 22.26 37.59
N MET B 213 -12.91 20.95 37.52
CA MET B 213 -12.60 20.29 36.26
C MET B 213 -13.90 20.06 35.51
N ALA B 214 -13.81 20.05 34.18
CA ALA B 214 -14.95 19.77 33.32
C ALA B 214 -15.42 18.34 33.47
N VAL B 215 -16.74 18.15 33.45
CA VAL B 215 -17.36 16.83 33.58
C VAL B 215 -18.23 16.52 32.36
N ASN B 216 -18.53 15.24 32.18
CA ASN B 216 -19.43 14.79 31.12
C ASN B 216 -20.85 15.30 31.34
N GLN B 217 -21.47 15.76 30.25
CA GLN B 217 -22.83 16.29 30.31
C GLN B 217 -23.84 15.31 29.70
N GLU B 218 -23.34 14.22 29.13
CA GLU B 218 -24.19 13.25 28.43
C GLU B 218 -24.59 12.07 29.31
N ALA B 219 -23.72 11.71 30.25
CA ALA B 219 -23.92 10.56 31.12
C ALA B 219 -23.55 10.88 32.55
N TRP B 220 -24.21 10.19 33.49
CA TRP B 220 -23.97 10.37 34.92
C TRP B 220 -23.99 9.03 35.66
N ASP B 221 -23.26 8.97 36.78
CA ASP B 221 -23.16 7.76 37.58
C ASP B 221 -23.85 7.97 38.92
N HIS B 222 -25.19 7.94 38.90
CA HIS B 222 -26.04 8.20 40.06
C HIS B 222 -25.81 9.60 40.64
N GLY B 223 -25.66 10.59 39.76
CA GLY B 223 -25.38 11.96 40.16
C GLY B 223 -23.90 12.27 40.39
N LEU B 224 -23.04 11.28 40.12
CA LEU B 224 -21.59 11.47 40.23
C LEU B 224 -20.94 11.64 38.86
N ALA B 225 -19.80 12.31 38.83
CA ALA B 225 -19.18 12.76 37.59
C ALA B 225 -18.48 11.68 36.76
N TYR B 226 -18.43 11.91 35.45
CA TYR B 226 -17.59 11.15 34.52
C TYR B 226 -16.66 12.13 33.82
N PRO B 227 -15.53 11.64 33.27
CA PRO B 227 -14.76 12.51 32.39
C PRO B 227 -15.56 12.88 31.12
N PRO B 228 -15.31 14.08 30.55
CA PRO B 228 -15.93 14.44 29.27
C PRO B 228 -15.49 13.49 28.16
N PHE B 229 -16.39 13.22 27.21
CA PHE B 229 -16.06 12.38 26.06
C PHE B 229 -15.11 13.10 25.14
N ASN B 230 -14.10 12.38 24.66
CA ASN B 230 -13.22 12.86 23.60
C ASN B 230 -13.91 12.65 22.26
N ASN B 231 -14.54 13.71 21.77
CA ASN B 231 -15.32 13.63 20.52
C ASN B 231 -14.48 13.84 19.25
N VAL B 232 -13.24 13.33 19.29
CA VAL B 232 -12.36 13.31 18.12
C VAL B 232 -12.50 11.95 17.44
N LYS B 233 -12.85 11.98 16.16
CA LYS B 233 -13.16 10.77 15.40
C LYS B 233 -12.08 10.46 14.36
N PRO B 234 -11.77 9.17 14.14
CA PRO B 234 -12.44 8.00 14.73
C PRO B 234 -11.99 7.72 16.16
N SER B 235 -12.84 7.01 16.91
CA SER B 235 -12.56 6.67 18.29
C SER B 235 -12.29 5.16 18.42
N PRO B 236 -11.18 4.79 19.11
CA PRO B 236 -10.92 3.39 19.39
C PRO B 236 -12.03 2.77 20.26
N CYS B 237 -12.58 3.57 21.16
CA CYS B 237 -13.65 3.14 22.07
C CYS B 237 -14.98 2.91 21.35
N GLU B 238 -15.24 3.68 20.30
CA GLU B 238 -16.43 3.49 19.49
C GLU B 238 -16.33 2.21 18.65
N PHE B 239 -15.11 1.91 18.20
CA PHE B 239 -14.85 0.77 17.32
C PHE B 239 -15.24 -0.58 17.94
N ILE B 240 -14.92 -0.75 19.22
CA ILE B 240 -15.16 -2.04 19.89
C ILE B 240 -16.64 -2.35 20.16
N ASN B 241 -17.50 -1.36 19.90
CA ASN B 241 -18.96 -1.53 19.91
C ASN B 241 -19.65 -0.38 19.19
N THR B 242 -19.95 -0.58 17.90
CA THR B 242 -20.54 0.45 17.05
C THR B 242 -21.98 0.81 17.45
N THR B 243 -22.72 -0.18 17.93
CA THR B 243 -24.10 0.00 18.38
C THR B 243 -24.18 0.92 19.60
N ALA B 244 -23.15 0.89 20.44
CA ALA B 244 -23.14 1.62 21.72
C ALA B 244 -22.79 3.11 21.61
N HIS B 245 -21.92 3.46 20.65
CA HIS B 245 -21.52 4.85 20.40
C HIS B 245 -20.95 5.57 21.63
N VAL B 246 -20.10 4.89 22.40
CA VAL B 246 -19.50 5.50 23.58
C VAL B 246 -18.02 5.78 23.35
N PRO B 247 -17.65 7.08 23.25
CA PRO B 247 -16.27 7.50 23.00
C PRO B 247 -15.36 7.31 24.23
N CYS B 248 -14.06 7.46 24.01
CA CYS B 248 -13.07 7.39 25.08
C CYS B 248 -13.16 8.62 25.98
N PHE B 249 -12.77 8.46 27.24
CA PHE B 249 -12.72 9.57 28.17
C PHE B 249 -11.55 10.50 27.87
N GLN B 250 -11.75 11.79 28.14
CA GLN B 250 -10.70 12.79 27.97
C GLN B 250 -10.15 13.22 29.33
N ALA B 251 -8.95 12.75 29.63
CA ALA B 251 -8.27 13.11 30.86
C ALA B 251 -6.93 13.76 30.55
N GLY B 252 -6.14 14.04 31.59
CA GLY B 252 -4.83 14.68 31.43
C GLY B 252 -3.81 13.87 30.64
N ASP B 253 -3.87 12.55 30.78
CA ASP B 253 -3.05 11.64 29.99
C ASP B 253 -3.94 10.99 28.94
N SER B 254 -3.40 10.81 27.74
CA SER B 254 -4.19 10.34 26.59
C SER B 254 -4.49 8.83 26.63
N ARG B 255 -3.80 8.11 27.50
CA ARG B 255 -3.97 6.66 27.58
C ARG B 255 -5.11 6.24 28.53
N ALA B 256 -5.76 7.22 29.17
CA ALA B 256 -6.79 6.99 30.18
C ALA B 256 -7.83 5.89 29.90
N SER B 257 -8.10 5.61 28.62
CA SER B 257 -9.13 4.64 28.24
C SER B 257 -8.58 3.30 27.74
N GLU B 258 -7.30 3.05 27.97
CA GLU B 258 -6.63 1.82 27.52
C GLU B 258 -7.31 0.55 28.06
N GLN B 259 -7.85 0.64 29.26
CA GLN B 259 -8.58 -0.47 29.90
C GLN B 259 -9.63 0.11 30.85
N ILE B 260 -10.69 -0.65 31.05
CA ILE B 260 -11.83 -0.23 31.86
C ILE B 260 -11.46 0.23 33.27
N LEU B 261 -10.50 -0.44 33.89
CA LEU B 261 -10.13 -0.15 35.28
C LEU B 261 -9.25 1.09 35.44
N LEU B 262 -8.46 1.40 34.41
CA LEU B 262 -7.64 2.62 34.40
C LEU B 262 -8.55 3.85 34.29
N ALA B 263 -9.60 3.74 33.48
CA ALA B 263 -10.60 4.80 33.33
C ALA B 263 -11.37 5.00 34.64
N THR B 264 -11.54 3.91 35.40
CA THR B 264 -12.23 3.92 36.69
C THR B 264 -11.48 4.76 37.73
N VAL B 265 -10.17 4.55 37.85
CA VAL B 265 -9.35 5.28 38.82
C VAL B 265 -9.18 6.74 38.39
N HIS B 266 -9.14 6.97 37.08
CA HIS B 266 -9.13 8.33 36.50
C HIS B 266 -10.38 9.11 36.91
N THR B 267 -11.52 8.41 37.00
CA THR B 267 -12.79 9.00 37.36
C THR B 267 -12.84 9.34 38.86
N LEU B 268 -12.33 8.43 39.69
CA LEU B 268 -12.16 8.70 41.12
C LEU B 268 -11.29 9.94 41.35
N LEU B 269 -10.16 10.02 40.62
CA LEU B 269 -9.22 11.12 40.76
C LEU B 269 -9.76 12.46 40.25
N LEU B 270 -10.60 12.40 39.22
CA LEU B 270 -11.29 13.58 38.71
C LEU B 270 -12.37 14.08 39.70
N ARG B 271 -13.09 13.14 40.30
CA ARG B 271 -14.13 13.45 41.28
C ARG B 271 -13.55 14.04 42.57
N GLU B 272 -12.33 13.61 42.91
CA GLU B 272 -11.64 14.15 44.08
C GLU B 272 -11.27 15.63 43.90
N HIS B 273 -10.88 16.03 42.70
CA HIS B 273 -10.61 17.45 42.43
C HIS B 273 -11.85 18.30 42.69
N ASN B 274 -12.97 17.90 42.10
CA ASN B 274 -14.21 18.65 42.21
C ASN B 274 -14.79 18.67 43.63
N ARG B 275 -14.54 17.60 44.39
CA ARG B 275 -14.95 17.53 45.78
C ARG B 275 -14.15 18.51 46.63
N LEU B 276 -12.83 18.47 46.48
CA LEU B 276 -11.92 19.36 47.19
C LEU B 276 -12.20 20.84 46.88
N ALA B 277 -12.45 21.13 45.60
CA ALA B 277 -12.73 22.49 45.14
C ALA B 277 -14.02 23.07 45.71
N ARG B 278 -15.04 22.23 45.88
CA ARG B 278 -16.31 22.66 46.49
C ARG B 278 -16.18 22.82 48.01
N GLU B 279 -15.29 22.03 48.62
CA GLU B 279 -15.02 22.14 50.05
C GLU B 279 -14.12 23.33 50.39
N LEU B 280 -13.14 23.61 49.54
CA LEU B 280 -12.26 24.77 49.72
C LEU B 280 -12.99 26.09 49.43
N LYS B 281 -14.10 26.01 48.69
CA LYS B 281 -14.97 27.15 48.44
C LYS B 281 -15.87 27.44 49.66
N ARG B 282 -16.30 26.38 50.35
CA ARG B 282 -17.09 26.50 51.57
C ARG B 282 -16.30 27.20 52.69
N LEU B 283 -15.07 26.77 52.90
CA LEU B 283 -14.19 27.34 53.91
C LEU B 283 -13.65 28.71 53.51
N ASN B 284 -13.49 28.93 52.20
CA ASN B 284 -12.97 30.19 51.68
C ASN B 284 -13.83 30.74 50.53
N PRO B 285 -14.95 31.41 50.87
CA PRO B 285 -15.84 31.98 49.85
C PRO B 285 -15.19 33.10 49.05
N HIS B 286 -14.13 33.69 49.60
CA HIS B 286 -13.44 34.81 48.97
C HIS B 286 -12.49 34.39 47.84
N TRP B 287 -12.06 33.13 47.85
CA TRP B 287 -11.16 32.59 46.83
C TRP B 287 -11.78 32.52 45.45
N ASP B 288 -11.00 32.87 44.44
CA ASP B 288 -11.45 32.83 43.04
C ASP B 288 -11.24 31.43 42.43
N GLY B 289 -11.73 31.26 41.20
CA GLY B 289 -11.65 29.97 40.49
C GLY B 289 -10.24 29.44 40.29
N GLU B 290 -9.31 30.33 39.94
CA GLU B 290 -7.91 29.95 39.73
C GLU B 290 -7.27 29.37 41.00
N MET B 291 -7.43 30.07 42.12
CA MET B 291 -6.88 29.61 43.40
C MET B 291 -7.54 28.31 43.87
N LEU B 292 -8.83 28.15 43.59
CA LEU B 292 -9.55 26.92 43.92
C LEU B 292 -9.01 25.75 43.12
N TYR B 293 -8.87 25.96 41.80
CA TYR B 293 -8.27 24.96 40.91
C TYR B 293 -6.84 24.59 41.34
N GLN B 294 -6.03 25.61 41.62
CA GLN B 294 -4.63 25.41 42.01
C GLN B 294 -4.48 24.73 43.37
N GLU B 295 -5.23 25.18 44.37
CA GLU B 295 -5.14 24.60 45.72
C GLU B 295 -5.64 23.15 45.75
N ALA B 296 -6.64 22.84 44.92
CA ALA B 296 -7.15 21.48 44.77
C ALA B 296 -6.11 20.59 44.10
N ARG B 297 -5.57 21.08 42.98
CA ARG B 297 -4.50 20.42 42.24
C ARG B 297 -3.30 20.07 43.13
N LYS B 298 -2.97 20.97 44.04
CA LYS B 298 -1.82 20.81 44.93
C LYS B 298 -2.05 19.71 45.98
N ILE B 299 -3.28 19.62 46.49
CA ILE B 299 -3.66 18.58 47.47
C ILE B 299 -3.73 17.20 46.80
N LEU B 300 -4.33 17.13 45.62
CA LEU B 300 -4.45 15.88 44.86
C LEU B 300 -3.08 15.33 44.47
N GLY B 301 -2.17 16.22 44.08
CA GLY B 301 -0.80 15.86 43.76
C GLY B 301 -0.04 15.34 44.98
N ALA B 302 -0.32 15.93 46.14
CA ALA B 302 0.21 15.45 47.41
C ALA B 302 -0.33 14.07 47.73
N PHE B 303 -1.65 13.91 47.59
CA PHE B 303 -2.31 12.62 47.78
C PHE B 303 -1.60 11.52 46.99
N ILE B 304 -1.43 11.74 45.69
CA ILE B 304 -0.77 10.76 44.83
C ILE B 304 0.67 10.46 45.28
N GLN B 305 1.36 11.49 45.78
CA GLN B 305 2.71 11.31 46.35
C GLN B 305 2.70 10.52 47.64
N ILE B 306 1.70 10.76 48.49
CA ILE B 306 1.58 10.08 49.78
C ILE B 306 1.25 8.59 49.59
N ILE B 307 0.17 8.30 48.86
CA ILE B 307 -0.26 6.91 48.61
C ILE B 307 0.85 6.08 47.95
N THR B 308 1.55 6.66 46.98
CA THR B 308 2.61 5.98 46.26
C THR B 308 3.79 5.61 47.17
N PHE B 309 4.21 6.55 48.01
CA PHE B 309 5.42 6.38 48.83
C PHE B 309 5.20 5.69 50.17
N ARG B 310 4.02 5.87 50.77
CA ARG B 310 3.71 5.26 52.06
C ARG B 310 3.13 3.84 51.94
N ASP B 311 2.21 3.65 50.99
CA ASP B 311 1.50 2.37 50.83
C ASP B 311 1.97 1.51 49.65
N TYR B 312 2.26 2.15 48.52
CA TYR B 312 2.59 1.42 47.30
C TYR B 312 4.02 0.89 47.23
N LEU B 313 5.01 1.79 47.33
CA LEU B 313 6.42 1.40 47.17
C LEU B 313 6.93 0.36 48.18
N PRO B 314 6.63 0.52 49.47
CA PRO B 314 7.09 -0.45 50.47
C PRO B 314 6.72 -1.91 50.17
N ILE B 315 5.65 -2.11 49.41
CA ILE B 315 5.20 -3.47 49.07
C ILE B 315 5.67 -3.95 47.68
N VAL B 316 6.18 -3.01 46.88
CA VAL B 316 6.85 -3.35 45.62
C VAL B 316 8.33 -3.67 45.88
N LEU B 317 9.01 -2.74 46.56
CA LEU B 317 10.45 -2.83 46.76
C LEU B 317 10.86 -3.78 47.89
N GLY B 318 10.00 -3.92 48.91
CA GLY B 318 10.24 -4.84 50.00
C GLY B 318 11.33 -4.39 50.95
N SER B 319 12.23 -5.31 51.29
CA SER B 319 13.35 -5.02 52.19
C SER B 319 14.39 -4.10 51.54
N GLU B 320 14.29 -3.96 50.22
CA GLU B 320 15.18 -3.08 49.44
C GLU B 320 14.75 -1.61 49.54
N MET B 321 13.63 -1.36 50.23
CA MET B 321 13.03 -0.02 50.33
C MET B 321 13.97 1.02 50.96
N GLN B 322 14.47 0.71 52.15
CA GLN B 322 15.36 1.63 52.88
C GLN B 322 16.75 1.72 52.25
N LYS B 323 17.13 0.68 51.51
CA LYS B 323 18.41 0.61 50.80
C LYS B 323 18.52 1.68 49.71
N TRP B 324 17.40 1.92 49.01
CA TRP B 324 17.38 2.84 47.87
C TRP B 324 16.61 4.13 48.12
N ILE B 325 15.58 4.07 48.96
CA ILE B 325 14.82 5.26 49.36
C ILE B 325 14.88 5.46 50.88
N PRO B 326 15.95 6.15 51.35
CA PRO B 326 16.10 6.43 52.77
C PRO B 326 15.20 7.61 53.19
N PRO B 327 15.01 7.83 54.50
CA PRO B 327 14.12 8.90 54.99
C PRO B 327 14.43 10.28 54.41
N TYR B 328 13.40 11.12 54.30
CA TYR B 328 13.51 12.44 53.65
C TYR B 328 14.45 13.37 54.40
N GLN B 329 15.38 13.96 53.64
CA GLN B 329 16.40 14.85 54.18
C GLN B 329 16.29 16.27 53.65
N GLY B 330 15.20 16.54 52.92
CA GLY B 330 14.99 17.84 52.31
C GLY B 330 15.32 17.88 50.82
N TYR B 331 14.92 18.97 50.18
CA TYR B 331 15.10 19.15 48.74
C TYR B 331 16.57 19.37 48.38
N ASN B 332 17.04 18.59 47.40
CA ASN B 332 18.41 18.66 46.91
C ASN B 332 18.37 18.99 45.42
N ASN B 333 18.84 20.18 45.05
CA ASN B 333 18.75 20.66 43.66
C ASN B 333 19.89 20.23 42.73
N SER B 334 20.79 19.39 43.23
CA SER B 334 21.82 18.77 42.39
C SER B 334 21.36 17.40 41.91
N VAL B 335 20.13 17.03 42.27
CA VAL B 335 19.57 15.74 41.95
C VAL B 335 18.70 15.82 40.69
N ASP B 336 18.97 14.92 39.75
CA ASP B 336 18.26 14.84 38.48
C ASP B 336 16.85 14.27 38.66
N PRO B 337 15.81 15.11 38.50
CA PRO B 337 14.45 14.63 38.69
C PRO B 337 13.93 13.90 37.45
N ARG B 338 14.68 13.99 36.36
CA ARG B 338 14.30 13.40 35.08
C ARG B 338 14.09 11.88 35.13
N ILE B 339 13.11 11.42 34.38
CA ILE B 339 12.86 9.98 34.24
C ILE B 339 13.86 9.42 33.22
N SER B 340 14.57 8.37 33.63
CA SER B 340 15.52 7.70 32.74
C SER B 340 14.80 6.78 31.76
N ASN B 341 15.44 6.50 30.63
CA ASN B 341 14.89 5.63 29.61
C ASN B 341 14.65 4.20 30.12
N VAL B 342 15.60 3.65 30.87
CA VAL B 342 15.49 2.29 31.42
C VAL B 342 14.35 2.11 32.43
N PHE B 343 13.96 3.21 33.06
CA PHE B 343 12.84 3.20 34.01
C PHE B 343 11.52 2.92 33.30
N THR B 344 11.39 3.45 32.09
CA THR B 344 10.17 3.27 31.29
C THR B 344 9.97 1.80 30.91
N PHE B 345 11.03 1.00 31.07
CA PHE B 345 10.98 -0.44 30.83
C PHE B 345 11.01 -1.23 32.13
N ALA B 346 11.68 -0.70 33.15
CA ALA B 346 11.73 -1.32 34.46
C ALA B 346 10.38 -1.28 35.15
N PHE B 347 9.62 -0.19 34.96
CA PHE B 347 8.30 -0.04 35.58
C PHE B 347 7.28 -0.97 34.90
N ARG B 348 7.66 -1.57 33.77
CA ARG B 348 6.79 -2.52 33.06
C ARG B 348 6.78 -3.91 33.70
N PHE B 349 7.23 -4.02 34.95
CA PHE B 349 7.11 -5.25 35.73
C PHE B 349 5.63 -5.51 36.00
N GLY B 350 4.84 -4.43 35.93
CA GLY B 350 3.41 -4.48 36.15
C GLY B 350 2.61 -5.27 35.14
N HIS B 351 3.15 -5.41 33.92
CA HIS B 351 2.49 -6.19 32.87
C HIS B 351 2.32 -7.67 33.24
N MET B 352 3.19 -8.15 34.13
CA MET B 352 3.14 -9.52 34.62
C MET B 352 2.27 -9.66 35.88
N GLU B 353 1.68 -8.55 36.32
CA GLU B 353 0.77 -8.54 37.47
C GLU B 353 -0.68 -8.51 37.02
N VAL B 354 -0.90 -8.44 35.71
CA VAL B 354 -2.24 -8.33 35.16
C VAL B 354 -2.89 -9.71 35.03
N PRO B 355 -4.06 -9.90 35.68
CA PRO B 355 -4.81 -11.14 35.57
C PRO B 355 -5.66 -11.20 34.31
N SER B 356 -6.22 -12.36 34.02
CA SER B 356 -6.94 -12.60 32.77
C SER B 356 -8.39 -12.11 32.78
N THR B 357 -8.93 -11.85 33.96
CA THR B 357 -10.33 -11.40 34.08
C THR B 357 -10.55 -10.14 34.93
N VAL B 358 -11.65 -9.45 34.66
CA VAL B 358 -12.11 -8.33 35.49
C VAL B 358 -13.54 -8.63 35.94
N SER B 359 -13.78 -8.48 37.23
CA SER B 359 -15.07 -8.78 37.82
C SER B 359 -15.79 -7.52 38.28
N ARG B 360 -17.12 -7.60 38.24
CA ARG B 360 -18.00 -6.55 38.74
C ARG B 360 -18.88 -7.17 39.82
N LEU B 361 -18.88 -6.55 41.00
CA LEU B 361 -19.52 -7.13 42.18
C LEU B 361 -20.56 -6.19 42.79
N ASP B 362 -21.69 -6.74 43.19
CA ASP B 362 -22.77 -5.95 43.79
C ASP B 362 -22.42 -5.48 45.22
N GLU B 363 -23.40 -4.89 45.89
CA GLU B 363 -23.18 -4.23 47.18
C GLU B 363 -22.82 -5.19 48.31
N ASN B 364 -23.06 -6.48 48.09
CA ASN B 364 -22.64 -7.53 49.02
C ASN B 364 -21.36 -8.24 48.56
N TYR B 365 -20.67 -7.61 47.59
CA TYR B 365 -19.45 -8.16 46.97
C TYR B 365 -19.66 -9.54 46.34
N GLN B 366 -20.87 -9.75 45.84
CA GLN B 366 -21.22 -10.95 45.08
C GLN B 366 -21.28 -10.62 43.59
N PRO B 367 -21.08 -11.62 42.71
CA PRO B 367 -21.16 -11.39 41.26
C PRO B 367 -22.34 -10.51 40.86
N TRP B 368 -22.07 -9.47 40.07
CA TRP B 368 -23.08 -8.49 39.67
C TRP B 368 -23.62 -8.80 38.28
N GLY B 369 -24.80 -9.42 38.23
CA GLY B 369 -25.46 -9.72 36.97
C GLY B 369 -25.00 -10.98 36.26
N PRO B 370 -25.64 -11.32 35.12
CA PRO B 370 -25.35 -12.54 34.33
C PRO B 370 -23.93 -12.59 33.75
N GLU B 371 -23.34 -11.42 33.49
CA GLU B 371 -22.01 -11.33 32.89
C GLU B 371 -21.04 -10.59 33.82
N ALA B 372 -21.01 -11.00 35.08
CA ALA B 372 -20.21 -10.32 36.10
C ALA B 372 -18.71 -10.32 35.79
N GLU B 373 -18.18 -11.49 35.41
CA GLU B 373 -16.76 -11.66 35.13
C GLU B 373 -16.49 -11.64 33.63
N LEU B 374 -15.69 -10.68 33.20
CA LEU B 374 -15.35 -10.49 31.78
C LEU B 374 -13.87 -10.74 31.51
N PRO B 375 -13.55 -11.29 30.32
CA PRO B 375 -12.16 -11.42 29.89
C PRO B 375 -11.56 -10.04 29.62
N LEU B 376 -10.30 -9.84 30.01
CA LEU B 376 -9.64 -8.56 29.90
C LEU B 376 -9.59 -8.03 28.46
N HIS B 377 -9.44 -8.92 27.49
CA HIS B 377 -9.23 -8.51 26.10
C HIS B 377 -10.45 -7.80 25.47
N THR B 378 -11.63 -8.01 26.04
CA THR B 378 -12.83 -7.29 25.59
C THR B 378 -12.92 -5.89 26.21
N LEU B 379 -12.10 -5.64 27.22
CA LEU B 379 -12.16 -4.40 28.00
C LEU B 379 -11.12 -3.35 27.60
N PHE B 380 -10.36 -3.64 26.53
CA PHE B 380 -9.42 -2.66 26.00
C PHE B 380 -10.17 -1.57 25.24
N PHE B 381 -9.93 -0.32 25.64
CA PHE B 381 -10.63 0.85 25.10
C PHE B 381 -12.15 0.67 25.18
N ASN B 382 -12.61 0.29 26.36
CA ASN B 382 -14.01 -0.04 26.60
C ASN B 382 -14.64 0.91 27.62
N THR B 383 -15.32 1.93 27.11
CA THR B 383 -16.00 2.87 27.98
C THR B 383 -17.51 2.64 28.04
N TRP B 384 -18.03 1.83 27.10
CA TRP B 384 -19.46 1.52 27.08
C TRP B 384 -19.89 0.61 28.23
N ARG B 385 -18.95 -0.19 28.73
CA ARG B 385 -19.20 -1.05 29.90
C ARG B 385 -19.21 -0.25 31.22
N ILE B 386 -18.75 1.00 31.17
CA ILE B 386 -18.86 1.90 32.32
C ILE B 386 -20.17 2.71 32.24
N ILE B 387 -20.36 3.38 31.10
CA ILE B 387 -21.50 4.28 30.92
C ILE B 387 -22.84 3.54 30.90
N LYS B 388 -22.87 2.38 30.24
CA LYS B 388 -24.13 1.68 29.99
C LYS B 388 -24.30 0.37 30.78
N ASP B 389 -23.48 0.16 31.81
CA ASP B 389 -23.48 -1.14 32.51
C ASP B 389 -23.09 -1.07 33.99
N GLY B 390 -23.72 -0.16 34.73
CA GLY B 390 -23.62 -0.16 36.20
C GLY B 390 -22.77 0.91 36.85
N GLY B 391 -22.02 1.66 36.06
CA GLY B 391 -21.12 2.68 36.59
C GLY B 391 -19.80 2.12 37.09
N ILE B 392 -19.11 2.89 37.93
CA ILE B 392 -17.78 2.52 38.40
C ILE B 392 -17.79 1.79 39.77
N ASP B 393 -18.91 1.86 40.49
CA ASP B 393 -19.06 1.17 41.77
C ASP B 393 -18.83 -0.35 41.70
N PRO B 394 -19.49 -1.06 40.76
CA PRO B 394 -19.21 -2.48 40.56
C PRO B 394 -17.74 -2.79 40.23
N LEU B 395 -17.08 -1.90 39.50
CA LEU B 395 -15.68 -2.07 39.11
C LEU B 395 -14.69 -1.77 40.25
N VAL B 396 -15.01 -0.78 41.08
CA VAL B 396 -14.17 -0.41 42.24
C VAL B 396 -14.23 -1.51 43.30
N ARG B 397 -15.40 -2.12 43.48
CA ARG B 397 -15.55 -3.24 44.41
C ARG B 397 -14.69 -4.42 44.00
N GLY B 398 -14.62 -4.69 42.69
CA GLY B 398 -13.75 -5.72 42.14
C GLY B 398 -12.29 -5.43 42.41
N LEU B 399 -11.90 -4.16 42.29
CA LEU B 399 -10.53 -3.72 42.57
C LEU B 399 -10.08 -3.99 44.01
N LEU B 400 -11.02 -3.85 44.95
CA LEU B 400 -10.73 -4.10 46.37
C LEU B 400 -10.76 -5.58 46.72
N ALA B 401 -11.74 -6.30 46.19
CA ALA B 401 -12.01 -7.68 46.58
C ALA B 401 -11.35 -8.76 45.72
N LYS B 402 -10.73 -8.37 44.61
CA LYS B 402 -10.04 -9.35 43.76
C LYS B 402 -8.51 -9.26 43.90
N ASN B 403 -7.84 -10.35 43.52
CA ASN B 403 -6.38 -10.44 43.59
C ASN B 403 -5.70 -10.04 42.28
N SER B 404 -4.50 -9.48 42.41
CA SER B 404 -3.61 -9.29 41.26
C SER B 404 -3.05 -10.63 40.82
N LYS B 405 -2.47 -10.66 39.62
CA LYS B 405 -1.69 -11.81 39.19
C LYS B 405 -0.28 -11.71 39.81
N LEU B 406 0.22 -12.83 40.33
CA LEU B 406 1.57 -12.88 40.87
C LEU B 406 2.54 -13.20 39.75
N MET B 407 3.73 -12.60 39.83
CA MET B 407 4.80 -12.92 38.90
C MET B 407 5.27 -14.37 39.10
N ASN B 408 5.19 -15.13 38.01
CA ASN B 408 5.66 -16.51 37.99
C ASN B 408 6.60 -16.67 36.81
N GLN B 409 7.75 -17.28 37.07
CA GLN B 409 8.77 -17.50 36.04
C GLN B 409 8.28 -18.47 34.96
N ASN B 410 7.31 -19.32 35.32
CA ASN B 410 6.70 -20.27 34.40
C ASN B 410 5.40 -19.74 33.81
N LYS B 411 4.88 -18.66 34.39
CA LYS B 411 3.64 -18.04 33.96
C LYS B 411 3.76 -16.51 33.98
N MET B 412 4.39 -15.95 32.95
CA MET B 412 4.82 -14.54 32.97
C MET B 412 3.74 -13.50 32.63
N VAL B 413 3.32 -13.45 31.36
CA VAL B 413 2.27 -12.53 30.92
C VAL B 413 1.06 -13.29 30.38
N THR B 414 -0.13 -12.93 30.86
CA THR B 414 -1.38 -13.56 30.44
C THR B 414 -1.59 -13.47 28.92
N SER B 415 -2.22 -14.50 28.36
CA SER B 415 -2.53 -14.56 26.93
C SER B 415 -3.46 -13.42 26.49
N GLU B 416 -4.18 -12.85 27.45
CA GLU B 416 -5.03 -11.67 27.21
C GLU B 416 -4.21 -10.48 26.73
N LEU B 417 -2.98 -10.37 27.22
CA LEU B 417 -2.06 -9.31 26.82
C LEU B 417 -1.02 -9.78 25.80
N ARG B 418 -0.75 -11.09 25.79
CA ARG B 418 0.33 -11.65 24.97
C ARG B 418 -0.15 -12.11 23.58
N ASN B 419 -1.46 -12.27 23.41
CA ASN B 419 -2.03 -12.71 22.15
C ASN B 419 -3.21 -11.87 21.67
N LYS B 420 -3.95 -11.30 22.62
CA LYS B 420 -5.20 -10.63 22.28
C LYS B 420 -5.25 -9.13 22.60
N LEU B 421 -4.08 -8.48 22.66
CA LEU B 421 -3.99 -7.05 22.91
C LEU B 421 -4.60 -6.25 21.76
N PHE B 422 -5.29 -5.16 22.11
CA PHE B 422 -5.85 -4.23 21.14
C PHE B 422 -5.00 -2.97 21.11
N GLN B 423 -4.65 -2.53 19.90
CA GLN B 423 -3.93 -1.28 19.69
C GLN B 423 -4.85 -0.28 18.99
N PRO B 424 -4.94 0.96 19.53
CA PRO B 424 -5.91 1.98 19.10
C PRO B 424 -5.99 2.20 17.59
N THR B 425 -4.84 2.22 16.91
CA THR B 425 -4.77 2.42 15.47
C THR B 425 -5.38 1.26 14.69
N HIS B 426 -4.98 0.04 15.05
CA HIS B 426 -5.33 -1.14 14.29
C HIS B 426 -6.68 -1.71 14.72
N LYS B 427 -7.12 -2.78 14.05
CA LYS B 427 -8.52 -3.23 14.16
C LYS B 427 -8.72 -4.55 14.92
N VAL B 428 -7.65 -5.33 15.06
CA VAL B 428 -7.73 -6.65 15.70
C VAL B 428 -7.26 -6.67 17.16
N HIS B 429 -7.87 -7.56 17.94
CA HIS B 429 -7.37 -7.91 19.26
C HIS B 429 -6.33 -9.01 19.07
N GLY B 430 -5.19 -8.66 18.47
CA GLY B 430 -4.21 -9.67 18.05
C GLY B 430 -2.74 -9.35 18.31
N PHE B 431 -2.49 -8.30 19.08
CA PHE B 431 -1.13 -7.85 19.38
C PHE B 431 -0.50 -8.55 20.59
N ASP B 432 0.81 -8.36 20.75
CA ASP B 432 1.57 -8.98 21.83
C ASP B 432 2.35 -7.94 22.63
N LEU B 433 1.88 -7.66 23.84
CA LEU B 433 2.52 -6.68 24.73
C LEU B 433 3.95 -7.08 25.12
N ALA B 434 4.18 -8.38 25.33
CA ALA B 434 5.51 -8.89 25.68
C ALA B 434 6.50 -8.68 24.53
N ALA B 435 6.08 -9.02 23.31
CA ALA B 435 6.90 -8.81 22.12
C ALA B 435 7.14 -7.32 21.87
N ILE B 436 6.09 -6.51 22.01
CA ILE B 436 6.21 -5.05 21.87
C ILE B 436 7.22 -4.47 22.87
N ASN B 437 7.14 -4.92 24.12
CA ASN B 437 8.11 -4.52 25.17
C ASN B 437 9.55 -4.79 24.76
N LEU B 438 9.80 -6.00 24.26
CA LEU B 438 11.15 -6.44 23.91
C LEU B 438 11.66 -5.75 22.65
N GLN B 439 10.75 -5.49 21.71
CA GLN B 439 11.07 -4.72 20.51
C GLN B 439 11.39 -3.27 20.87
N ARG B 440 10.64 -2.71 21.83
CA ARG B 440 10.81 -1.33 22.27
C ARG B 440 12.11 -1.10 23.04
N CYS B 441 12.57 -2.10 23.78
CA CYS B 441 13.88 -2.07 24.42
C CYS B 441 14.97 -1.79 23.39
N ARG B 442 14.93 -2.56 22.30
CA ARG B 442 15.87 -2.43 21.20
C ARG B 442 15.71 -1.09 20.51
N ASP B 443 14.47 -0.69 20.28
CA ASP B 443 14.14 0.62 19.69
C ASP B 443 14.74 1.77 20.50
N HIS B 444 14.61 1.69 21.82
CA HIS B 444 15.08 2.73 22.73
C HIS B 444 16.58 2.67 22.99
N GLY B 445 17.27 1.75 22.31
CA GLY B 445 18.71 1.60 22.44
C GLY B 445 19.16 1.17 23.82
N MET B 446 18.41 0.26 24.43
CA MET B 446 18.72 -0.24 25.76
C MET B 446 19.97 -1.11 25.82
N PRO B 447 20.88 -0.81 26.77
CA PRO B 447 21.97 -1.73 27.09
C PRO B 447 21.41 -3.06 27.63
N GLY B 448 22.22 -4.11 27.51
CA GLY B 448 21.80 -5.44 27.92
C GLY B 448 21.64 -5.63 29.42
N TYR B 449 21.21 -6.83 29.78
CA TYR B 449 20.99 -7.24 31.16
C TYR B 449 22.22 -7.01 32.05
N ASN B 450 23.37 -7.54 31.64
CA ASN B 450 24.59 -7.47 32.44
C ASN B 450 25.18 -6.07 32.67
N SER B 451 24.97 -5.17 31.70
CA SER B 451 25.36 -3.78 31.86
C SER B 451 24.60 -3.13 33.02
N TRP B 452 23.30 -3.41 33.08
CA TRP B 452 22.43 -2.88 34.15
C TRP B 452 22.69 -3.54 35.49
N ARG B 453 23.06 -4.83 35.45
CA ARG B 453 23.50 -5.55 36.65
C ARG B 453 24.74 -4.88 37.23
N GLY B 454 25.69 -4.55 36.35
CA GLY B 454 26.92 -3.86 36.74
C GLY B 454 26.63 -2.47 37.28
N PHE B 455 25.77 -1.74 36.58
CA PHE B 455 25.30 -0.42 37.01
C PHE B 455 24.76 -0.45 38.45
N CYS B 456 24.18 -1.59 38.83
CA CYS B 456 23.57 -1.74 40.15
C CYS B 456 24.46 -2.51 41.14
N GLY B 457 25.72 -2.71 40.77
CA GLY B 457 26.70 -3.40 41.61
C GLY B 457 26.39 -4.86 41.89
N LEU B 458 25.68 -5.50 40.96
CA LEU B 458 25.28 -6.90 41.09
C LEU B 458 26.12 -7.80 40.21
N SER B 459 26.24 -9.07 40.58
CA SER B 459 27.04 -10.03 39.81
C SER B 459 26.53 -10.15 38.36
N GLN B 460 27.47 -10.34 37.44
CA GLN B 460 27.15 -10.44 36.02
C GLN B 460 27.46 -11.85 35.53
N PRO B 461 26.42 -12.68 35.35
CA PRO B 461 26.60 -14.07 34.91
C PRO B 461 27.14 -14.15 33.50
N LYS B 462 28.06 -15.09 33.26
CA LYS B 462 28.67 -15.27 31.95
C LYS B 462 28.31 -16.61 31.33
N THR B 463 27.99 -17.59 32.17
CA THR B 463 27.67 -18.94 31.70
C THR B 463 26.28 -19.39 32.15
N LEU B 464 25.86 -20.56 31.69
CA LEU B 464 24.60 -21.16 32.10
C LEU B 464 24.58 -21.36 33.60
N LYS B 465 25.69 -21.89 34.12
CA LYS B 465 25.89 -22.11 35.56
C LYS B 465 25.69 -20.81 36.35
N GLY B 466 26.24 -19.72 35.83
CA GLY B 466 26.12 -18.40 36.46
C GLY B 466 24.70 -17.86 36.47
N LEU B 467 24.00 -18.01 35.34
CA LEU B 467 22.62 -17.52 35.20
C LEU B 467 21.64 -18.34 36.04
N GLN B 468 21.91 -19.64 36.15
CA GLN B 468 21.11 -20.54 37.01
C GLN B 468 21.14 -20.09 38.47
N ALA B 469 22.30 -19.63 38.92
CA ALA B 469 22.51 -19.18 40.29
C ALA B 469 21.74 -17.89 40.60
N VAL B 470 21.61 -17.03 39.60
CA VAL B 470 20.89 -15.76 39.73
C VAL B 470 19.39 -15.98 39.65
N LEU B 471 18.95 -16.67 38.59
CA LEU B 471 17.53 -16.86 38.31
C LEU B 471 16.85 -17.90 39.20
N LYS B 472 17.67 -18.71 39.89
CA LYS B 472 17.21 -19.81 40.76
C LYS B 472 16.31 -20.83 40.04
N ASN B 473 16.55 -20.96 38.74
CA ASN B 473 15.76 -21.82 37.88
C ASN B 473 16.62 -22.31 36.71
N LYS B 474 16.94 -23.61 36.72
CA LYS B 474 17.78 -24.20 35.67
C LYS B 474 17.09 -24.20 34.31
N VAL B 475 15.79 -24.46 34.31
CA VAL B 475 14.99 -24.52 33.07
C VAL B 475 14.87 -23.15 32.41
N LEU B 476 14.59 -22.11 33.19
CA LEU B 476 14.43 -20.76 32.66
C LEU B 476 15.75 -20.19 32.13
N ALA B 477 16.84 -20.46 32.85
CA ALA B 477 18.17 -19.99 32.46
C ALA B 477 18.63 -20.61 31.14
N LYS B 478 18.26 -21.87 30.92
CA LYS B 478 18.62 -22.60 29.70
C LYS B 478 17.81 -22.11 28.51
N LYS B 479 16.50 -21.94 28.72
CA LYS B 479 15.59 -21.43 27.69
C LYS B 479 15.99 -20.02 27.24
N LEU B 480 16.37 -19.21 28.23
CA LEU B 480 16.80 -17.84 28.02
C LEU B 480 18.12 -17.75 27.26
N LEU B 481 19.05 -18.67 27.57
CA LEU B 481 20.34 -18.73 26.90
C LEU B 481 20.32 -19.40 25.53
N ASP B 482 19.41 -20.34 25.34
CA ASP B 482 19.24 -20.98 24.03
C ASP B 482 18.82 -19.98 22.98
N LEU B 483 18.12 -18.94 23.44
CA LEU B 483 17.69 -17.83 22.57
C LEU B 483 18.75 -16.74 22.47
N TYR B 484 19.26 -16.29 23.62
CA TYR B 484 20.16 -15.13 23.67
C TYR B 484 21.66 -15.43 23.54
N LYS B 485 22.04 -16.71 23.71
CA LYS B 485 23.44 -17.20 23.59
C LYS B 485 24.42 -16.70 24.66
N THR B 486 24.13 -15.54 25.23
CA THR B 486 24.95 -14.94 26.27
C THR B 486 24.08 -13.99 27.10
N PRO B 487 24.27 -13.96 28.43
CA PRO B 487 23.48 -13.06 29.28
C PRO B 487 23.66 -11.58 28.90
N ASP B 488 24.78 -11.27 28.24
CA ASP B 488 25.07 -9.92 27.76
C ASP B 488 24.01 -9.39 26.79
N ASN B 489 23.36 -10.30 26.06
CA ASN B 489 22.39 -9.94 25.02
C ASN B 489 20.92 -9.94 25.49
N ILE B 490 20.68 -10.49 26.68
CA ILE B 490 19.34 -10.51 27.27
C ILE B 490 18.77 -9.09 27.39
N ASP B 491 17.62 -8.85 26.76
CA ASP B 491 16.93 -7.56 26.83
C ASP B 491 16.51 -7.24 28.26
N ILE B 492 16.64 -5.98 28.67
CA ILE B 492 16.44 -5.58 30.06
C ILE B 492 15.09 -5.99 30.68
N TRP B 493 14.01 -5.83 29.91
CA TRP B 493 12.67 -6.13 30.41
C TRP B 493 12.48 -7.60 30.81
N ILE B 494 12.98 -8.52 29.98
CA ILE B 494 12.85 -9.95 30.28
C ILE B 494 13.86 -10.42 31.35
N GLY B 495 15.05 -9.82 31.35
CA GLY B 495 16.11 -10.19 32.30
C GLY B 495 15.76 -9.78 33.71
N GLY B 496 15.42 -8.50 33.89
CA GLY B 496 15.07 -7.96 35.20
C GLY B 496 13.82 -8.56 35.80
N ASN B 497 12.95 -9.08 34.94
CA ASN B 497 11.70 -9.69 35.37
C ASN B 497 11.83 -11.17 35.67
N ALA B 498 12.86 -11.81 35.11
CA ALA B 498 13.09 -13.25 35.30
C ALA B 498 13.67 -13.57 36.68
N GLU B 499 14.26 -12.57 37.33
CA GLU B 499 14.90 -12.72 38.64
C GLU B 499 13.88 -13.00 39.75
N PRO B 500 14.25 -13.85 40.73
CA PRO B 500 13.38 -14.14 41.87
C PRO B 500 13.14 -12.91 42.73
N MET B 501 11.93 -12.78 43.27
CA MET B 501 11.54 -11.60 44.04
C MET B 501 12.31 -11.46 45.35
N VAL B 502 12.66 -10.23 45.68
CA VAL B 502 13.25 -9.93 46.97
C VAL B 502 12.20 -10.08 48.07
N GLU B 503 12.66 -10.35 49.29
CA GLU B 503 11.79 -10.62 50.43
C GLU B 503 10.87 -9.43 50.75
N ARG B 504 9.58 -9.74 50.91
CA ARG B 504 8.52 -8.75 51.18
C ARG B 504 8.23 -7.80 50.01
N GLY B 505 8.78 -8.13 48.83
CA GLY B 505 8.61 -7.30 47.63
C GLY B 505 8.02 -8.05 46.45
N ARG B 506 7.76 -7.32 45.37
CA ARG B 506 7.19 -7.91 44.15
C ARG B 506 8.07 -7.71 42.91
N VAL B 507 9.31 -7.26 43.12
CA VAL B 507 10.33 -7.20 42.07
C VAL B 507 11.63 -7.82 42.58
N GLY B 508 12.56 -8.10 41.66
CA GLY B 508 13.85 -8.68 42.01
C GLY B 508 14.90 -7.64 42.37
N PRO B 509 16.15 -8.08 42.63
CA PRO B 509 17.23 -7.17 43.02
C PRO B 509 17.53 -6.10 41.96
N LEU B 510 17.56 -6.49 40.69
CA LEU B 510 17.87 -5.56 39.61
C LEU B 510 16.83 -4.46 39.49
N LEU B 511 15.55 -4.86 39.44
CA LEU B 511 14.45 -3.91 39.31
C LEU B 511 14.28 -3.04 40.55
N ALA B 512 14.56 -3.59 41.72
CA ALA B 512 14.51 -2.83 42.97
C ALA B 512 15.54 -1.71 42.95
N CYS B 513 16.68 -1.96 42.29
CA CYS B 513 17.71 -0.96 42.13
C CYS B 513 17.27 0.14 41.16
N LEU B 514 16.91 -0.27 39.94
CA LEU B 514 16.43 0.66 38.91
C LEU B 514 15.20 1.47 39.32
N LEU B 515 14.22 0.81 39.95
CA LEU B 515 13.01 1.49 40.42
C LEU B 515 13.29 2.38 41.62
N GLY B 516 13.89 1.79 42.65
CA GLY B 516 14.21 2.48 43.89
C GLY B 516 14.90 3.82 43.69
N ARG B 517 15.99 3.82 42.93
CA ARG B 517 16.78 5.04 42.75
C ARG B 517 16.16 6.09 41.82
N GLN B 518 15.16 5.69 41.02
CA GLN B 518 14.39 6.66 40.23
C GLN B 518 13.36 7.38 41.10
N PHE B 519 12.72 6.64 42.01
CA PHE B 519 11.69 7.21 42.88
C PHE B 519 12.25 8.18 43.93
N GLN B 520 13.46 7.93 44.42
CA GLN B 520 14.14 8.85 45.33
C GLN B 520 14.51 10.15 44.62
N GLN B 521 14.98 10.01 43.38
CA GLN B 521 15.41 11.15 42.57
C GLN B 521 14.25 12.11 42.28
N ILE B 522 13.09 11.57 41.93
CA ILE B 522 11.90 12.40 41.67
C ILE B 522 11.32 12.99 42.95
N ARG B 523 11.72 12.41 44.08
CA ARG B 523 11.36 12.92 45.41
C ARG B 523 12.33 14.03 45.85
N ASP B 524 13.62 13.69 45.92
CA ASP B 524 14.67 14.62 46.34
C ASP B 524 14.85 15.79 45.38
N GLY B 525 14.59 15.55 44.10
CA GLY B 525 14.76 16.57 43.07
C GLY B 525 13.50 17.34 42.76
N ASP B 526 12.50 17.22 43.63
CA ASP B 526 11.24 17.95 43.47
C ASP B 526 11.14 19.07 44.52
N ARG B 527 11.15 20.31 44.03
CA ARG B 527 10.99 21.50 44.88
C ARG B 527 9.60 21.54 45.51
N PHE B 528 8.63 20.95 44.83
CA PHE B 528 7.25 20.95 45.28
C PHE B 528 6.80 19.64 45.94
N TRP B 529 7.77 18.82 46.34
CA TRP B 529 7.49 17.61 47.11
C TRP B 529 6.80 18.00 48.43
N TRP B 530 5.82 17.19 48.84
CA TRP B 530 4.90 17.56 49.93
C TRP B 530 5.54 17.72 51.32
N GLU B 531 6.68 17.09 51.53
CA GLU B 531 7.38 17.17 52.82
C GLU B 531 8.43 18.28 52.89
N ASN B 532 8.74 18.88 51.75
CA ASN B 532 9.63 20.04 51.69
C ASN B 532 9.03 21.22 52.43
N PRO B 533 9.71 21.72 53.47
CA PRO B 533 9.20 22.84 54.26
C PRO B 533 8.87 24.06 53.39
N GLY B 534 7.69 24.64 53.62
CA GLY B 534 7.26 25.83 52.88
C GLY B 534 6.26 25.55 51.77
N VAL B 535 6.15 24.29 51.37
CA VAL B 535 5.18 23.87 50.35
C VAL B 535 3.77 23.79 50.97
N PHE B 536 3.63 22.97 52.01
CA PHE B 536 2.43 22.96 52.86
C PHE B 536 2.83 23.39 54.27
N THR B 537 1.88 23.93 55.02
CA THR B 537 2.12 24.28 56.42
C THR B 537 2.15 23.01 57.27
N GLU B 538 2.50 23.16 58.56
CA GLU B 538 2.61 22.02 59.47
C GLU B 538 1.23 21.40 59.75
N LYS B 539 0.22 22.26 59.84
CA LYS B 539 -1.17 21.84 60.03
C LYS B 539 -1.72 21.13 58.79
N GLN B 540 -1.28 21.59 57.62
CA GLN B 540 -1.66 20.99 56.35
C GLN B 540 -1.02 19.62 56.15
N ARG B 541 0.24 19.49 56.55
CA ARG B 541 0.96 18.22 56.46
C ARG B 541 0.34 17.12 57.32
N ASP B 542 -0.05 17.47 58.55
CA ASP B 542 -0.66 16.52 59.48
C ASP B 542 -1.96 15.91 58.94
N SER B 543 -2.78 16.75 58.30
CA SER B 543 -4.04 16.32 57.72
C SER B 543 -3.85 15.43 56.49
N LEU B 544 -2.83 15.76 55.69
CA LEU B 544 -2.51 14.98 54.50
C LEU B 544 -1.97 13.59 54.84
N GLN B 545 -1.40 13.45 56.04
CA GLN B 545 -0.82 12.19 56.49
C GLN B 545 -1.87 11.11 56.73
N LYS B 546 -3.13 11.54 56.81
CA LYS B 546 -4.24 10.64 57.09
C LYS B 546 -4.99 10.18 55.84
N VAL B 547 -4.58 10.66 54.66
CA VAL B 547 -5.21 10.22 53.41
C VAL B 547 -4.97 8.75 53.16
N SER B 548 -5.97 8.09 52.60
CA SER B 548 -5.89 6.69 52.21
C SER B 548 -6.76 6.49 50.98
N PHE B 549 -6.39 5.54 50.14
CA PHE B 549 -7.18 5.21 48.96
C PHE B 549 -8.59 4.77 49.37
N SER B 550 -8.70 4.18 50.55
CA SER B 550 -9.99 3.77 51.10
C SER B 550 -10.95 4.94 51.24
N ARG B 551 -10.44 6.07 51.73
CA ARG B 551 -11.24 7.29 51.88
C ARG B 551 -11.66 7.86 50.53
N LEU B 552 -10.74 7.83 49.56
CA LEU B 552 -10.99 8.32 48.21
C LEU B 552 -12.18 7.62 47.58
N ILE B 553 -12.20 6.30 47.67
CA ILE B 553 -13.35 5.49 47.21
C ILE B 553 -14.62 5.97 47.88
N CYS B 554 -14.53 6.21 49.18
CA CYS B 554 -15.73 6.44 49.96
C CYS B 554 -16.37 7.83 49.83
N ASP B 555 -15.53 8.85 49.75
CA ASP B 555 -16.01 10.20 49.51
C ASP B 555 -16.51 10.40 48.06
N ASN B 556 -16.11 9.53 47.15
CA ASN B 556 -16.36 9.72 45.71
C ASN B 556 -17.20 8.64 45.00
N THR B 557 -17.67 7.65 45.76
CA THR B 557 -18.55 6.61 45.22
C THR B 557 -19.74 6.35 46.15
N HIS B 558 -20.50 5.31 45.84
CA HIS B 558 -21.56 4.84 46.74
C HIS B 558 -21.24 3.46 47.28
N ILE B 559 -19.95 3.14 47.32
CA ILE B 559 -19.45 1.95 48.00
C ILE B 559 -19.21 2.32 49.45
N THR B 560 -19.89 1.61 50.35
CA THR B 560 -19.91 1.96 51.77
C THR B 560 -19.08 1.01 52.63
N LYS B 561 -18.53 -0.04 52.01
CA LYS B 561 -17.71 -1.01 52.71
C LYS B 561 -16.34 -1.13 52.03
N VAL B 562 -15.30 -0.66 52.73
CA VAL B 562 -13.94 -0.69 52.20
C VAL B 562 -12.95 -1.22 53.25
N PRO B 563 -11.84 -1.86 52.81
CA PRO B 563 -10.84 -2.31 53.76
C PRO B 563 -9.93 -1.17 54.21
N LEU B 564 -9.30 -1.33 55.38
CA LEU B 564 -8.39 -0.31 55.92
C LEU B 564 -7.13 -0.17 55.07
N HIS B 565 -6.60 -1.30 54.63
CA HIS B 565 -5.40 -1.35 53.80
C HIS B 565 -5.73 -1.95 52.44
N ALA B 566 -6.07 -1.06 51.49
CA ALA B 566 -6.63 -1.46 50.21
C ALA B 566 -5.68 -2.20 49.28
N PHE B 567 -4.38 -2.09 49.52
CA PHE B 567 -3.39 -2.66 48.60
C PHE B 567 -3.16 -4.16 48.78
N GLN B 568 -3.28 -4.64 50.02
CA GLN B 568 -3.13 -6.07 50.32
C GLN B 568 -4.44 -6.83 50.07
N ALA B 569 -4.35 -8.16 49.97
CA ALA B 569 -5.52 -9.00 49.74
C ALA B 569 -6.46 -8.98 50.94
N ASN B 570 -7.71 -8.63 50.69
CA ASN B 570 -8.74 -8.57 51.72
C ASN B 570 -9.95 -9.39 51.31
N ASN B 571 -10.50 -10.12 52.28
CA ASN B 571 -11.67 -10.95 52.05
C ASN B 571 -12.92 -10.33 52.65
N TYR B 572 -14.03 -10.40 51.91
CA TYR B 572 -15.32 -9.90 52.38
C TYR B 572 -16.08 -10.99 53.17
N PRO B 573 -16.74 -10.61 54.28
CA PRO B 573 -16.85 -9.27 54.86
C PRO B 573 -15.84 -8.94 55.97
N HIS B 574 -15.08 -9.95 56.42
CA HIS B 574 -14.22 -9.82 57.60
C HIS B 574 -13.25 -8.65 57.55
N ASP B 575 -12.55 -8.49 56.43
CA ASP B 575 -11.54 -7.43 56.30
C ASP B 575 -12.13 -6.08 55.91
N PHE B 576 -13.42 -6.06 55.63
CA PHE B 576 -14.11 -4.83 55.24
C PHE B 576 -14.83 -4.21 56.44
N VAL B 577 -14.56 -2.92 56.66
CA VAL B 577 -15.24 -2.16 57.70
C VAL B 577 -16.13 -1.12 57.04
N ASP B 578 -16.99 -0.47 57.82
CA ASP B 578 -17.79 0.64 57.32
C ASP B 578 -16.90 1.87 57.16
N CYS B 579 -17.34 2.80 56.33
CA CYS B 579 -16.52 3.93 55.94
C CYS B 579 -16.40 5.04 56.96
N SER B 580 -17.31 5.05 57.93
CA SER B 580 -17.21 5.95 59.06
C SER B 580 -15.98 5.61 59.92
N ALA B 581 -15.49 4.36 59.80
CA ALA B 581 -14.31 3.90 60.50
C ALA B 581 -13.01 4.35 59.82
N VAL B 582 -13.15 4.91 58.62
CA VAL B 582 -12.00 5.40 57.85
C VAL B 582 -11.79 6.90 58.11
N ASP B 583 -10.55 7.26 58.46
CA ASP B 583 -10.17 8.66 58.70
C ASP B 583 -10.53 9.57 57.54
N LYS B 584 -11.09 10.74 57.86
CA LYS B 584 -11.34 11.77 56.87
C LYS B 584 -10.14 12.71 56.76
N LEU B 585 -10.00 13.35 55.59
CA LEU B 585 -9.00 14.39 55.40
C LEU B 585 -9.60 15.71 55.88
N ASP B 586 -8.98 16.31 56.90
CA ASP B 586 -9.49 17.55 57.46
C ASP B 586 -8.94 18.76 56.73
N LEU B 587 -9.83 19.54 56.13
CA LEU B 587 -9.43 20.67 55.28
C LEU B 587 -9.47 22.02 56.01
N SER B 588 -9.54 21.98 57.34
CA SER B 588 -9.58 23.21 58.15
C SER B 588 -8.29 24.05 58.09
N PRO B 589 -7.10 23.42 58.16
CA PRO B 589 -5.86 24.20 58.03
C PRO B 589 -5.70 24.92 56.68
N TRP B 590 -6.63 24.71 55.76
CA TRP B 590 -6.66 25.44 54.49
C TRP B 590 -7.53 26.69 54.57
N ALA B 591 -8.37 26.76 55.61
CA ALA B 591 -9.27 27.91 55.83
C ALA B 591 -8.45 29.17 56.00
N SER B 592 -8.71 30.14 55.13
CA SER B 592 -7.90 31.36 55.03
C SER B 592 -8.67 32.61 55.46
N ARG B 593 -7.92 33.67 55.75
CA ARG B 593 -8.48 34.98 56.11
C ARG B 593 -7.59 36.12 55.59
N GLU B 594 -8.21 37.29 55.37
CA GLU B 594 -7.50 38.46 54.85
C GLU B 594 -7.09 39.45 55.95
N ASN B 595 -7.94 39.62 56.96
CA ASN B 595 -7.69 40.55 58.07
C ASN B 595 -6.52 40.12 58.94
#